data_3O0N
#
_entry.id   3O0N
#
_cell.length_a   119.010
_cell.length_b   123.820
_cell.length_c   106.440
_cell.angle_alpha   90.00
_cell.angle_beta   103.10
_cell.angle_gamma   90.00
#
_symmetry.space_group_name_H-M   'C 1 2 1'
#
loop_
_entity.id
_entity.type
_entity.pdbx_description
1 polymer 'Ribonucleoside-diphosphate reductase'
2 non-polymer "THYMIDINE-5'-TRIPHOSPHATE"
3 non-polymer 'COBALT (II) ION'
4 non-polymer 'CHLORIDE ION'
5 non-polymer 'MAGNESIUM ION'
6 non-polymer COBALAMIN
7 non-polymer "5'-DEOXYADENOSINE"
8 water water
#
_entity_poly.entity_id   1
_entity_poly.type   'polypeptide(L)'
_entity_poly.pdbx_seq_one_letter_code
;MKLSDLISRWIDVEPSKNAQIILRDRYFMKDLDGNYLETKWEDVARRVARVVATAELLNPSYKKNEKLDRIKEWEDIFFR
VLKARLFIPNSPTLFNAGLGVKHDLLWKPIDQMTLEDYEEIYRSRNHLHMLSACFVVPVGDSIEEIFEAVKEYALITKVG
GGVGSNFSELRPKGSFVAGTHGKASGPVSFMHVFNSAISVVKQGSRRRGALMGILNINHPDIEEFIDAKKENTGEAVLNF
FNLSVGFPMDKKEILKLYEEDGELELSHPRSTIRKKVKIRELFRKIATNAWKSGDPGLAFLGEMNKYYPLYPHRKINSTN
PCGEIGLSDYEACNLGSIDVAKFYNNGFVDLEALQELVQIAVRFLDNVIDVNVFPIDKITKAVKESRRLGLGIMGFADLL
YKLEIPYNSQEARDFAANLMAFIALHAHRTSYELGKEKGNFPLLEISRYRTEDNFVPFAMGMSNYDDEIREVMKMTKEFR
RNVALLTIAPTGSISNIADTSSGLEPNFLLAYTRFVTKEDGTKEPLLYVNQVLREKLNPEILKRIEKELIEKGSLKDIPD
VPEKIKKVFVVALDIDPMDHLLMQDAFQRYVDNNISKTINMPQSATVDDVLNVYLEALRTNVRGITVYRDGSLQTQVLTK
ALKT
;
_entity_poly.pdbx_strand_id   A,B
#
# COMPACT_ATOMS: atom_id res chain seq x y z
N MET A 1 -31.85 -37.91 22.91
CA MET A 1 -32.18 -37.16 24.12
C MET A 1 -32.30 -35.68 23.80
N LYS A 2 -32.91 -34.92 24.72
CA LYS A 2 -33.06 -33.49 24.52
C LYS A 2 -31.71 -32.80 24.55
N LEU A 3 -31.59 -31.75 23.75
CA LEU A 3 -30.37 -30.95 23.75
C LEU A 3 -30.06 -30.49 25.18
N SER A 4 -31.10 -30.19 25.95
CA SER A 4 -30.94 -29.76 27.34
C SER A 4 -30.32 -30.85 28.22
N ASP A 5 -30.60 -32.11 27.92
CA ASP A 5 -29.94 -33.21 28.61
C ASP A 5 -28.47 -33.25 28.23
N LEU A 6 -28.19 -33.21 26.94
CA LEU A 6 -26.83 -33.22 26.44
C LEU A 6 -26.01 -32.07 27.02
N ILE A 7 -26.64 -30.91 27.15
CA ILE A 7 -25.98 -29.76 27.75
C ILE A 7 -25.56 -30.05 29.19
N SER A 8 -26.41 -30.76 29.93
CA SER A 8 -26.10 -31.13 31.31
C SER A 8 -24.83 -31.95 31.41
N ARG A 9 -24.71 -32.95 30.55
CA ARG A 9 -23.54 -33.83 30.54
C ARG A 9 -22.24 -33.09 30.24
N TRP A 10 -22.34 -31.90 29.65
CA TRP A 10 -21.16 -31.20 29.15
C TRP A 10 -20.88 -29.88 29.82
N ILE A 11 -21.93 -29.18 30.22
CA ILE A 11 -21.80 -27.79 30.64
C ILE A 11 -20.80 -27.60 31.79
N ASP A 12 -20.65 -28.63 32.62
CA ASP A 12 -19.74 -28.57 33.76
C ASP A 12 -18.34 -29.14 33.49
N VAL A 13 -18.10 -29.57 32.26
CA VAL A 13 -16.78 -30.07 31.86
C VAL A 13 -15.83 -28.96 31.44
N GLU A 14 -14.83 -28.66 32.27
CA GLU A 14 -13.87 -27.60 31.96
C GLU A 14 -12.91 -28.03 30.85
N PRO A 15 -12.36 -27.04 30.12
CA PRO A 15 -11.41 -27.33 29.04
C PRO A 15 -10.16 -28.01 29.61
N SER A 16 -9.49 -28.82 28.80
CA SER A 16 -8.22 -29.43 29.19
C SER A 16 -7.20 -28.33 29.42
N LYS A 17 -6.18 -28.63 30.23
CA LYS A 17 -5.11 -27.66 30.46
C LYS A 17 -4.58 -27.18 29.11
N ASN A 18 -4.65 -28.08 28.13
CA ASN A 18 -4.22 -27.79 26.77
C ASN A 18 -5.02 -26.64 26.15
N ALA A 19 -6.34 -26.79 26.10
CA ALA A 19 -7.21 -25.73 25.62
C ALA A 19 -7.03 -24.46 26.46
N GLN A 20 -6.79 -24.64 27.75
CA GLN A 20 -6.63 -23.51 28.66
C GLN A 20 -5.44 -22.61 28.32
N ILE A 21 -4.42 -23.18 27.70
CA ILE A 21 -3.27 -22.41 27.27
C ILE A 21 -3.70 -21.47 26.15
N ILE A 22 -4.38 -22.04 25.16
CA ILE A 22 -4.86 -21.29 24.01
C ILE A 22 -5.76 -20.17 24.47
N LEU A 23 -6.61 -20.48 25.43
CA LEU A 23 -7.55 -19.49 25.93
C LEU A 23 -6.80 -18.34 26.61
N ARG A 24 -5.96 -18.66 27.59
CA ARG A 24 -5.18 -17.62 28.25
C ARG A 24 -4.32 -16.87 27.23
N ASP A 25 -3.94 -17.57 26.18
CA ASP A 25 -3.02 -17.05 25.18
C ASP A 25 -3.63 -15.91 24.37
N ARG A 26 -4.84 -16.09 23.87
CA ARG A 26 -5.40 -15.08 22.97
C ARG A 26 -6.92 -14.90 22.93
N TYR A 27 -7.63 -15.64 23.77
CA TYR A 27 -9.10 -15.53 23.77
C TYR A 27 -9.66 -14.76 24.96
N PHE A 28 -9.05 -14.93 26.12
CA PHE A 28 -9.51 -14.21 27.31
C PHE A 28 -9.27 -12.71 27.17
N MET A 29 -10.35 -11.94 27.29
CA MET A 29 -10.27 -10.50 27.10
C MET A 29 -9.40 -9.85 28.15
N LYS A 30 -8.51 -8.96 27.71
CA LYS A 30 -7.66 -8.21 28.63
C LYS A 30 -7.88 -6.72 28.45
N ASP A 31 -7.77 -5.99 29.55
CA ASP A 31 -7.91 -4.53 29.50
C ASP A 31 -6.62 -3.87 29.04
N LEU A 32 -6.58 -2.55 29.05
CA LEU A 32 -5.45 -1.80 28.52
C LEU A 32 -4.23 -1.87 29.43
N ASP A 33 -4.44 -1.99 30.73
CA ASP A 33 -3.36 -2.21 31.68
C ASP A 33 -2.75 -3.60 31.44
N GLY A 34 -3.50 -4.45 30.76
CA GLY A 34 -3.04 -5.79 30.44
C GLY A 34 -3.71 -6.88 31.25
N ASN A 35 -4.29 -6.50 32.39
CA ASN A 35 -4.93 -7.45 33.29
C ASN A 35 -6.01 -8.29 32.59
N TYR A 36 -6.26 -9.49 33.08
CA TYR A 36 -7.30 -10.35 32.53
C TYR A 36 -8.69 -9.89 32.94
N LEU A 37 -9.57 -9.74 31.95
CA LEU A 37 -10.98 -9.47 32.21
C LEU A 37 -11.76 -10.78 32.25
N GLU A 38 -11.17 -11.83 31.68
CA GLU A 38 -11.74 -13.17 31.68
C GLU A 38 -10.64 -14.15 32.07
N THR A 39 -10.97 -15.14 32.91
CA THR A 39 -9.98 -16.10 33.37
C THR A 39 -10.44 -17.54 33.19
N LYS A 40 -11.70 -17.70 32.81
CA LYS A 40 -12.30 -19.02 32.58
C LYS A 40 -13.12 -19.02 31.29
N TRP A 41 -13.12 -20.14 30.57
CA TRP A 41 -13.90 -20.26 29.34
C TRP A 41 -15.31 -19.73 29.51
N GLU A 42 -15.90 -20.01 30.66
CA GLU A 42 -17.25 -19.56 30.98
C GLU A 42 -17.43 -18.06 30.74
N ASP A 43 -16.43 -17.27 31.09
CA ASP A 43 -16.52 -15.82 30.93
C ASP A 43 -16.66 -15.45 29.46
N VAL A 44 -15.91 -16.13 28.59
CA VAL A 44 -16.02 -15.94 27.15
C VAL A 44 -17.43 -16.23 26.68
N ALA A 45 -17.97 -17.39 27.08
CA ALA A 45 -19.30 -17.80 26.65
C ALA A 45 -20.34 -16.75 26.98
N ARG A 46 -20.25 -16.20 28.19
CA ARG A 46 -21.21 -15.19 28.64
C ARG A 46 -21.12 -13.92 27.78
N ARG A 47 -19.90 -13.41 27.57
CA ARG A 47 -19.71 -12.20 26.75
C ARG A 47 -20.27 -12.37 25.33
N VAL A 48 -19.88 -13.46 24.67
CA VAL A 48 -20.29 -13.72 23.30
C VAL A 48 -21.79 -13.94 23.21
N ALA A 49 -22.33 -14.76 24.11
CA ALA A 49 -23.75 -15.07 24.07
C ALA A 49 -24.57 -13.79 24.25
N ARG A 50 -24.11 -12.93 25.17
CA ARG A 50 -24.82 -11.70 25.42
C ARG A 50 -24.78 -10.78 24.19
N VAL A 51 -23.61 -10.66 23.56
CA VAL A 51 -23.49 -9.81 22.37
C VAL A 51 -24.39 -10.25 21.22
N VAL A 52 -24.40 -11.55 20.92
CA VAL A 52 -25.14 -12.08 19.77
C VAL A 52 -26.66 -12.15 19.98
N ALA A 53 -27.08 -12.36 21.23
CA ALA A 53 -28.50 -12.30 21.58
C ALA A 53 -29.03 -10.86 21.50
N THR A 54 -28.14 -9.89 21.63
CA THR A 54 -28.53 -8.49 21.52
C THR A 54 -29.20 -8.19 20.17
N ALA A 55 -28.79 -8.92 19.14
CA ALA A 55 -29.37 -8.82 17.80
C ALA A 55 -30.89 -8.89 17.82
N GLU A 56 -31.43 -9.68 18.75
CA GLU A 56 -32.87 -9.86 18.85
C GLU A 56 -33.60 -8.54 19.09
N LEU A 57 -32.83 -7.49 19.37
CA LEU A 57 -33.38 -6.14 19.47
C LEU A 57 -34.07 -5.78 18.17
N LEU A 58 -33.49 -6.24 17.05
CA LEU A 58 -33.98 -5.89 15.73
C LEU A 58 -35.15 -6.74 15.29
N ASN A 59 -35.44 -7.78 16.06
CA ASN A 59 -36.48 -8.73 15.70
C ASN A 59 -37.87 -8.10 15.70
N PRO A 60 -38.47 -7.98 14.51
CA PRO A 60 -39.76 -7.28 14.36
C PRO A 60 -40.95 -8.12 14.84
N SER A 61 -40.70 -9.36 15.23
CA SER A 61 -41.75 -10.26 15.69
C SER A 61 -41.99 -10.16 17.19
N TYR A 62 -41.12 -9.47 17.91
CA TYR A 62 -41.20 -9.40 19.37
C TYR A 62 -41.88 -8.12 19.88
N LYS A 63 -42.93 -8.30 20.66
CA LYS A 63 -43.59 -7.19 21.35
C LYS A 63 -42.62 -6.58 22.34
N LYS A 64 -42.68 -5.27 22.53
CA LYS A 64 -41.70 -4.58 23.36
C LYS A 64 -41.68 -5.07 24.81
N ASN A 65 -42.83 -5.49 25.33
CA ASN A 65 -42.87 -6.04 26.68
C ASN A 65 -42.03 -7.30 26.81
N GLU A 66 -42.29 -8.27 25.93
CA GLU A 66 -41.60 -9.55 25.96
C GLU A 66 -40.16 -9.45 25.47
N LYS A 67 -39.83 -8.32 24.85
CA LYS A 67 -38.52 -8.15 24.21
C LYS A 67 -37.37 -8.49 25.14
N LEU A 68 -37.43 -8.05 26.39
CA LEU A 68 -36.39 -8.37 27.35
C LEU A 68 -36.33 -9.88 27.63
N ASP A 69 -37.51 -10.50 27.79
CA ASP A 69 -37.59 -11.93 28.05
C ASP A 69 -36.96 -12.74 26.92
N ARG A 70 -37.45 -12.52 25.71
CA ARG A 70 -36.92 -13.20 24.53
C ARG A 70 -35.40 -13.12 24.47
N ILE A 71 -34.87 -11.90 24.60
CA ILE A 71 -33.44 -11.69 24.56
C ILE A 71 -32.73 -12.52 25.63
N LYS A 72 -33.20 -12.43 26.87
CA LYS A 72 -32.60 -13.15 27.97
C LYS A 72 -32.58 -14.64 27.69
N GLU A 73 -33.66 -15.12 27.08
CA GLU A 73 -33.77 -16.52 26.71
C GLU A 73 -32.68 -16.92 25.73
N TRP A 74 -32.52 -16.16 24.65
CA TRP A 74 -31.50 -16.49 23.67
C TRP A 74 -30.10 -16.40 24.25
N GLU A 75 -29.86 -15.40 25.10
CA GLU A 75 -28.57 -15.29 25.74
C GLU A 75 -28.28 -16.58 26.50
N ASP A 76 -29.23 -17.00 27.33
CA ASP A 76 -29.07 -18.23 28.11
C ASP A 76 -28.78 -19.44 27.22
N ILE A 77 -29.61 -19.65 26.19
CA ILE A 77 -29.42 -20.80 25.30
C ILE A 77 -28.11 -20.72 24.51
N PHE A 78 -27.82 -19.54 23.96
CA PHE A 78 -26.51 -19.31 23.38
C PHE A 78 -25.46 -19.65 24.42
N PHE A 79 -25.64 -19.13 25.63
CA PHE A 79 -24.64 -19.31 26.68
C PHE A 79 -24.39 -20.79 27.01
N ARG A 80 -25.47 -21.51 27.32
CA ARG A 80 -25.37 -22.91 27.67
C ARG A 80 -24.70 -23.72 26.55
N VAL A 81 -25.17 -23.52 25.32
CA VAL A 81 -24.60 -24.20 24.17
C VAL A 81 -23.11 -23.88 24.00
N LEU A 82 -22.74 -22.63 24.33
CA LEU A 82 -21.35 -22.19 24.21
C LEU A 82 -20.45 -22.72 25.32
N LYS A 83 -20.94 -22.70 26.55
CA LYS A 83 -20.16 -23.18 27.69
C LYS A 83 -19.93 -24.69 27.63
N ALA A 84 -20.92 -25.44 27.14
CA ALA A 84 -20.79 -26.90 26.99
C ALA A 84 -19.91 -27.23 25.79
N ARG A 85 -19.52 -26.19 25.05
CA ARG A 85 -18.70 -26.32 23.86
C ARG A 85 -19.32 -27.33 22.88
N LEU A 86 -20.63 -27.24 22.73
CA LEU A 86 -21.38 -28.04 21.75
C LEU A 86 -21.33 -27.38 20.37
N PHE A 87 -21.31 -26.05 20.37
CA PHE A 87 -21.14 -25.26 19.15
C PHE A 87 -20.28 -24.05 19.47
N ILE A 88 -19.39 -23.69 18.55
CA ILE A 88 -18.50 -22.55 18.73
C ILE A 88 -18.35 -21.78 17.42
N PRO A 89 -18.51 -20.45 17.48
CA PRO A 89 -18.34 -19.55 16.33
C PRO A 89 -16.86 -19.32 15.99
N ASN A 90 -16.57 -18.91 14.76
CA ASN A 90 -15.18 -18.62 14.37
C ASN A 90 -14.46 -17.67 15.35
N SER A 91 -13.13 -17.77 15.38
CA SER A 91 -12.31 -17.03 16.33
C SER A 91 -12.61 -15.53 16.40
N PRO A 92 -12.83 -14.89 15.24
CA PRO A 92 -13.07 -13.45 15.31
C PRO A 92 -14.26 -13.09 16.20
N THR A 93 -15.24 -13.98 16.27
CA THR A 93 -16.41 -13.75 17.10
C THR A 93 -16.03 -13.83 18.58
N LEU A 94 -15.16 -14.77 18.90
CA LEU A 94 -14.70 -14.97 20.27
C LEU A 94 -13.70 -13.88 20.67
N PHE A 95 -12.88 -13.46 19.72
CA PHE A 95 -11.92 -12.37 19.95
C PHE A 95 -12.64 -11.05 20.20
N ASN A 96 -13.58 -10.73 19.33
CA ASN A 96 -14.02 -9.35 19.21
C ASN A 96 -15.39 -9.01 19.74
N ALA A 97 -16.14 -10.02 20.17
CA ALA A 97 -17.45 -9.79 20.74
C ALA A 97 -17.37 -8.79 21.89
N GLY A 98 -18.15 -7.71 21.80
CA GLY A 98 -18.25 -6.76 22.89
C GLY A 98 -17.17 -5.68 22.94
N LEU A 99 -16.20 -5.75 22.04
CA LEU A 99 -15.19 -4.68 21.97
C LEU A 99 -15.88 -3.33 21.83
N GLY A 100 -15.51 -2.37 22.67
CA GLY A 100 -16.11 -1.05 22.66
C GLY A 100 -17.23 -0.92 23.68
N VAL A 101 -17.68 -2.06 24.20
CA VAL A 101 -18.79 -2.09 25.15
C VAL A 101 -18.23 -2.01 26.56
N LYS A 102 -18.94 -1.30 27.43
CA LYS A 102 -18.51 -1.16 28.83
C LYS A 102 -18.32 -2.52 29.52
N HIS A 103 -17.25 -2.63 30.31
CA HIS A 103 -16.88 -3.86 30.98
C HIS A 103 -17.85 -4.27 32.09
N ASP A 104 -18.79 -3.40 32.43
CA ASP A 104 -19.77 -3.71 33.46
C ASP A 104 -21.05 -4.32 32.88
N LEU A 105 -21.10 -4.42 31.55
CA LEU A 105 -22.28 -4.97 30.88
C LEU A 105 -22.06 -6.39 30.36
N LEU A 106 -20.82 -6.72 30.01
CA LEU A 106 -20.53 -7.96 29.28
C LEU A 106 -20.57 -9.22 30.15
N TRP A 107 -20.40 -9.07 31.45
CA TRP A 107 -20.36 -10.25 32.33
C TRP A 107 -21.39 -10.28 33.45
N LYS A 108 -21.82 -9.12 33.93
CA LYS A 108 -22.72 -9.07 35.09
C LYS A 108 -23.84 -10.10 34.96
N PRO A 109 -24.31 -10.63 36.10
CA PRO A 109 -25.34 -11.68 36.12
C PRO A 109 -26.55 -11.34 35.24
N ILE A 110 -26.96 -12.29 34.40
CA ILE A 110 -28.05 -12.07 33.45
C ILE A 110 -29.37 -11.63 34.10
N ASP A 111 -29.53 -11.92 35.39
CA ASP A 111 -30.76 -11.53 36.08
C ASP A 111 -30.81 -10.02 36.34
N GLN A 112 -29.68 -9.36 36.11
CA GLN A 112 -29.58 -7.92 36.35
C GLN A 112 -29.71 -7.14 35.04
N MET A 113 -29.75 -7.85 33.92
CA MET A 113 -29.81 -7.19 32.62
C MET A 113 -31.19 -6.60 32.36
N THR A 114 -31.21 -5.34 31.99
CA THR A 114 -32.45 -4.66 31.61
C THR A 114 -32.43 -4.42 30.10
N LEU A 115 -33.55 -3.94 29.56
CA LEU A 115 -33.61 -3.59 28.16
C LEU A 115 -32.64 -2.46 27.88
N GLU A 116 -32.58 -1.51 28.82
CA GLU A 116 -31.60 -0.44 28.74
C GLU A 116 -30.23 -1.03 28.46
N ASP A 117 -29.86 -2.03 29.25
CA ASP A 117 -28.53 -2.65 29.14
C ASP A 117 -28.23 -3.19 27.74
N TYR A 118 -29.17 -3.92 27.16
CA TYR A 118 -28.96 -4.51 25.84
C TYR A 118 -28.91 -3.44 24.74
N GLU A 119 -29.85 -2.49 24.81
CA GLU A 119 -29.85 -1.37 23.86
C GLU A 119 -28.48 -0.70 23.88
N GLU A 120 -27.87 -0.66 25.06
CA GLU A 120 -26.56 -0.02 25.19
C GLU A 120 -25.46 -0.85 24.55
N ILE A 121 -25.55 -2.17 24.67
CA ILE A 121 -24.56 -3.00 24.03
C ILE A 121 -24.60 -2.75 22.53
N TYR A 122 -25.81 -2.80 21.96
CA TYR A 122 -25.97 -2.59 20.52
C TYR A 122 -25.32 -1.28 20.05
N ARG A 123 -25.58 -0.19 20.77
CA ARG A 123 -25.07 1.12 20.35
C ARG A 123 -23.57 1.30 20.48
N SER A 124 -22.95 0.62 21.45
CA SER A 124 -21.54 0.87 21.76
C SER A 124 -20.54 -0.11 21.13
N ARG A 125 -21.02 -0.93 20.20
CA ARG A 125 -20.14 -1.78 19.40
C ARG A 125 -19.23 -0.90 18.56
N ASN A 126 -17.92 -1.04 18.71
CA ASN A 126 -17.00 -0.12 18.03
C ASN A 126 -16.49 -0.65 16.69
N HIS A 127 -15.69 0.16 16.01
CA HIS A 127 -15.18 -0.18 14.69
C HIS A 127 -14.27 -1.41 14.70
N LEU A 128 -13.97 -1.93 15.89
CA LEU A 128 -13.18 -3.15 16.00
C LEU A 128 -14.05 -4.40 16.16
N HIS A 129 -15.37 -4.21 16.19
CA HIS A 129 -16.33 -5.27 16.52
C HIS A 129 -16.62 -6.17 15.31
N MET A 130 -15.57 -6.80 14.80
CA MET A 130 -15.64 -7.51 13.54
C MET A 130 -15.64 -9.00 13.84
N LEU A 131 -16.74 -9.66 13.49
CA LEU A 131 -17.01 -11.01 13.97
C LEU A 131 -16.95 -12.09 12.89
N SER A 132 -16.50 -11.75 11.69
CA SER A 132 -16.49 -12.69 10.56
C SER A 132 -15.08 -13.02 10.12
N ALA A 133 -14.83 -14.27 9.75
CA ALA A 133 -13.47 -14.67 9.37
C ALA A 133 -13.13 -14.43 7.88
N CYS A 134 -14.12 -14.49 7.00
CA CYS A 134 -13.85 -14.66 5.58
C CYS A 134 -14.30 -13.47 4.76
N PHE A 135 -13.39 -13.02 3.88
CA PHE A 135 -13.60 -11.86 3.02
C PHE A 135 -13.08 -12.09 1.61
N VAL A 136 -13.74 -11.49 0.62
CA VAL A 136 -13.16 -11.34 -0.71
C VAL A 136 -13.29 -9.88 -1.17
N VAL A 137 -12.23 -9.33 -1.75
CA VAL A 137 -12.35 -8.04 -2.43
C VAL A 137 -11.79 -8.12 -3.84
N PRO A 138 -12.34 -7.31 -4.75
CA PRO A 138 -11.84 -7.19 -6.13
C PRO A 138 -10.55 -6.41 -6.22
N VAL A 139 -9.79 -6.66 -7.27
CA VAL A 139 -8.62 -5.87 -7.56
C VAL A 139 -8.68 -5.43 -9.02
N GLY A 140 -9.29 -4.28 -9.27
CA GLY A 140 -9.45 -3.77 -10.63
C GLY A 140 -8.15 -3.43 -11.35
N ASP A 141 -8.22 -3.37 -12.68
CA ASP A 141 -7.04 -3.16 -13.52
C ASP A 141 -6.57 -1.69 -13.61
N SER A 142 -6.25 -1.10 -12.47
CA SER A 142 -5.71 0.27 -12.44
C SER A 142 -4.91 0.49 -11.16
N ILE A 143 -4.01 1.47 -11.17
CA ILE A 143 -3.20 1.78 -9.99
C ILE A 143 -4.13 2.20 -8.88
N GLU A 144 -5.11 3.02 -9.24
CA GLU A 144 -6.12 3.48 -8.29
C GLU A 144 -6.78 2.28 -7.59
N GLU A 145 -7.42 1.40 -8.36
CA GLU A 145 -8.12 0.25 -7.76
C GLU A 145 -7.18 -0.70 -6.99
N ILE A 146 -5.97 -0.89 -7.52
CA ILE A 146 -4.99 -1.78 -6.93
C ILE A 146 -4.63 -1.37 -5.52
N PHE A 147 -4.31 -0.09 -5.34
CA PHE A 147 -3.87 0.40 -4.05
C PHE A 147 -5.02 0.67 -3.10
N GLU A 148 -6.22 0.87 -3.65
CA GLU A 148 -7.40 0.87 -2.80
C GLU A 148 -7.57 -0.54 -2.21
N ALA A 149 -7.27 -1.56 -3.03
CA ALA A 149 -7.36 -2.94 -2.54
C ALA A 149 -6.29 -3.23 -1.49
N VAL A 150 -5.07 -2.73 -1.69
CA VAL A 150 -4.00 -2.93 -0.71
C VAL A 150 -4.44 -2.36 0.63
N LYS A 151 -5.11 -1.21 0.60
CA LYS A 151 -5.60 -0.59 1.83
C LYS A 151 -6.71 -1.44 2.45
N GLU A 152 -7.67 -1.86 1.63
CA GLU A 152 -8.69 -2.79 2.06
C GLU A 152 -8.07 -4.01 2.75
N TYR A 153 -6.99 -4.54 2.17
CA TYR A 153 -6.34 -5.70 2.77
C TYR A 153 -5.88 -5.42 4.18
N ALA A 154 -5.24 -4.26 4.35
CA ALA A 154 -4.67 -3.90 5.63
C ALA A 154 -5.75 -3.64 6.65
N LEU A 155 -6.82 -2.97 6.22
CA LEU A 155 -7.96 -2.71 7.11
C LEU A 155 -8.65 -4.00 7.60
N ILE A 156 -8.73 -5.01 6.73
CA ILE A 156 -9.45 -6.23 7.06
C ILE A 156 -8.59 -7.10 7.95
N THR A 157 -7.31 -7.17 7.62
CA THR A 157 -6.35 -7.89 8.43
C THR A 157 -6.22 -7.29 9.83
N LYS A 158 -6.27 -5.96 9.94
CA LYS A 158 -6.22 -5.32 11.25
C LYS A 158 -7.29 -5.85 12.21
N VAL A 159 -8.51 -5.99 11.70
CA VAL A 159 -9.66 -6.39 12.52
C VAL A 159 -9.76 -7.91 12.68
N GLY A 160 -8.85 -8.65 12.08
CA GLY A 160 -8.81 -10.09 12.26
C GLY A 160 -9.46 -10.89 11.15
N GLY A 161 -9.68 -10.26 9.99
CA GLY A 161 -10.26 -10.95 8.85
C GLY A 161 -9.26 -11.65 7.97
N GLY A 162 -9.72 -12.67 7.23
CA GLY A 162 -8.91 -13.31 6.21
C GLY A 162 -9.51 -13.00 4.84
N VAL A 163 -8.70 -12.41 3.97
CA VAL A 163 -9.19 -11.90 2.69
C VAL A 163 -8.53 -12.57 1.49
N GLY A 164 -9.28 -12.71 0.41
CA GLY A 164 -8.73 -13.22 -0.83
C GLY A 164 -9.18 -12.42 -2.03
N SER A 165 -8.47 -12.56 -3.13
CA SER A 165 -8.84 -11.88 -4.37
C SER A 165 -8.46 -12.71 -5.56
N ASN A 166 -9.17 -12.50 -6.65
CA ASN A 166 -8.78 -13.00 -7.95
C ASN A 166 -8.03 -11.86 -8.62
N PHE A 167 -6.78 -12.09 -9.02
CA PHE A 167 -5.98 -11.01 -9.63
C PHE A 167 -5.98 -11.00 -11.16
N SER A 168 -6.93 -11.70 -11.77
CA SER A 168 -6.92 -11.90 -13.22
C SER A 168 -7.29 -10.65 -14.02
N GLU A 169 -7.98 -9.70 -13.40
CA GLU A 169 -8.30 -8.45 -14.06
C GLU A 169 -7.01 -7.70 -14.39
N LEU A 170 -5.98 -7.88 -13.55
CA LEU A 170 -4.73 -7.17 -13.80
C LEU A 170 -4.10 -7.64 -15.11
N ARG A 171 -3.76 -6.70 -16.00
CA ARG A 171 -3.27 -7.10 -17.31
C ARG A 171 -1.86 -7.67 -17.17
N PRO A 172 -1.50 -8.59 -18.07
CA PRO A 172 -0.23 -9.34 -18.04
C PRO A 172 1.00 -8.44 -18.02
N LYS A 173 2.10 -8.97 -17.48
CA LYS A 173 3.38 -8.30 -17.49
C LYS A 173 3.77 -7.91 -18.91
N GLY A 174 4.21 -6.66 -19.09
CA GLY A 174 4.67 -6.21 -20.39
C GLY A 174 3.60 -5.54 -21.26
N SER A 175 2.34 -5.67 -20.86
CA SER A 175 1.22 -5.09 -21.59
C SER A 175 1.33 -3.56 -21.66
N PHE A 176 0.79 -3.00 -22.74
CA PHE A 176 0.80 -1.54 -22.93
C PHE A 176 0.01 -0.80 -21.84
N VAL A 177 0.60 0.24 -21.28
CA VAL A 177 -0.10 1.14 -20.34
C VAL A 177 -0.21 2.51 -21.01
N ALA A 178 -1.43 2.94 -21.29
CA ALA A 178 -1.64 4.17 -22.06
C ALA A 178 -1.13 5.39 -21.32
N GLY A 179 -1.43 5.44 -20.03
CA GLY A 179 -1.13 6.59 -19.19
C GLY A 179 0.34 6.97 -19.05
N THR A 180 1.23 6.02 -19.31
CA THR A 180 2.67 6.27 -19.15
C THR A 180 3.42 5.86 -20.41
N HIS A 181 2.68 5.37 -21.40
CA HIS A 181 3.27 4.78 -22.61
C HIS A 181 4.27 3.68 -22.23
N GLY A 182 4.19 3.20 -20.99
CA GLY A 182 5.10 2.18 -20.49
C GLY A 182 4.54 0.77 -20.57
N LYS A 183 5.01 -0.07 -19.66
CA LYS A 183 4.61 -1.47 -19.65
C LYS A 183 4.15 -1.93 -18.27
N ALA A 184 3.11 -2.74 -18.21
CA ALA A 184 2.51 -3.15 -16.94
C ALA A 184 3.40 -4.14 -16.18
N SER A 185 3.47 -3.97 -14.87
CA SER A 185 4.20 -4.91 -14.02
C SER A 185 3.62 -6.34 -14.06
N GLY A 186 2.30 -6.47 -14.21
CA GLY A 186 1.67 -7.80 -14.14
C GLY A 186 1.23 -8.23 -12.74
N PRO A 187 0.17 -9.07 -12.65
CA PRO A 187 -0.42 -9.43 -11.36
C PRO A 187 0.56 -9.96 -10.34
N VAL A 188 1.49 -10.80 -10.75
CA VAL A 188 2.38 -11.44 -9.79
C VAL A 188 3.21 -10.35 -9.09
N SER A 189 3.69 -9.37 -9.85
CA SER A 189 4.46 -8.27 -9.25
C SER A 189 3.62 -7.47 -8.27
N PHE A 190 2.39 -7.15 -8.65
CA PHE A 190 1.53 -6.40 -7.72
C PHE A 190 1.23 -7.20 -6.45
N MET A 191 1.08 -8.52 -6.57
CA MET A 191 0.85 -9.36 -5.39
C MET A 191 1.93 -9.18 -4.33
N HIS A 192 3.17 -8.98 -4.76
CA HIS A 192 4.27 -8.67 -3.83
C HIS A 192 4.00 -7.47 -2.91
N VAL A 193 3.26 -6.49 -3.43
CA VAL A 193 2.89 -5.32 -2.65
C VAL A 193 1.88 -5.69 -1.56
N PHE A 194 0.83 -6.41 -1.94
CA PHE A 194 -0.14 -6.94 -0.97
C PHE A 194 0.57 -7.73 0.11
N ASN A 195 1.52 -8.55 -0.30
CA ASN A 195 2.32 -9.30 0.64
C ASN A 195 3.09 -8.40 1.60
N SER A 196 3.80 -7.42 1.05
CA SER A 196 4.56 -6.48 1.85
C SER A 196 3.65 -5.73 2.82
N ALA A 197 2.49 -5.32 2.33
CA ALA A 197 1.52 -4.67 3.18
C ALA A 197 1.19 -5.51 4.41
N ILE A 198 0.86 -6.79 4.20
CA ILE A 198 0.45 -7.63 5.31
C ILE A 198 1.61 -7.96 6.24
N SER A 199 2.81 -8.06 5.68
CA SER A 199 3.97 -8.37 6.53
C SER A 199 4.17 -7.35 7.65
N VAL A 200 3.53 -6.18 7.57
CA VAL A 200 3.62 -5.19 8.64
C VAL A 200 2.36 -5.07 9.47
N VAL A 201 1.31 -5.81 9.12
CA VAL A 201 0.07 -5.75 9.89
C VAL A 201 -0.23 -7.07 10.61
N ALA A 210 -2.87 -16.51 5.59
CA ALA A 210 -3.72 -15.35 5.87
C ALA A 210 -4.32 -14.73 4.61
N LEU A 211 -3.69 -14.96 3.46
CA LEU A 211 -4.21 -14.39 2.20
C LEU A 211 -4.47 -15.46 1.14
N MET A 212 -5.48 -15.22 0.33
CA MET A 212 -5.71 -16.06 -0.85
C MET A 212 -5.46 -15.27 -2.13
N GLY A 213 -4.57 -15.78 -2.95
CA GLY A 213 -4.33 -15.20 -4.24
C GLY A 213 -4.70 -16.17 -5.34
N ILE A 214 -5.61 -15.74 -6.20
CA ILE A 214 -6.06 -16.60 -7.28
C ILE A 214 -5.73 -15.96 -8.62
N LEU A 215 -5.15 -16.74 -9.54
CA LEU A 215 -5.04 -16.31 -10.94
C LEU A 215 -5.66 -17.35 -11.86
N ASN A 216 -6.50 -16.92 -12.80
CA ASN A 216 -7.22 -17.85 -13.69
C ASN A 216 -6.29 -18.60 -14.66
N ILE A 217 -6.65 -19.85 -14.95
CA ILE A 217 -5.84 -20.74 -15.79
C ILE A 217 -5.54 -20.20 -17.20
N ASN A 218 -6.35 -19.26 -17.69
CA ASN A 218 -6.15 -18.68 -19.03
C ASN A 218 -5.51 -17.29 -19.10
N HIS A 219 -4.98 -16.84 -17.96
CA HIS A 219 -4.27 -15.58 -17.89
C HIS A 219 -2.86 -15.79 -18.46
N PRO A 220 -2.42 -14.87 -19.33
CA PRO A 220 -1.08 -15.02 -19.94
C PRO A 220 0.04 -15.17 -18.92
N ASP A 221 -0.15 -14.72 -17.68
CA ASP A 221 0.92 -14.88 -16.69
C ASP A 221 0.78 -16.11 -15.79
N ILE A 222 -0.14 -17.01 -16.13
CA ILE A 222 -0.43 -18.17 -15.26
C ILE A 222 0.84 -18.97 -14.91
N GLU A 223 1.70 -19.18 -15.90
CA GLU A 223 2.91 -19.96 -15.65
C GLU A 223 3.84 -19.30 -14.62
N GLU A 224 4.04 -18.00 -14.73
CA GLU A 224 4.83 -17.26 -13.74
C GLU A 224 4.17 -17.36 -12.34
N PHE A 225 2.84 -17.36 -12.34
CA PHE A 225 2.05 -17.46 -11.12
C PHE A 225 2.22 -18.81 -10.42
N ILE A 226 2.14 -19.87 -11.22
CA ILE A 226 2.29 -21.24 -10.74
C ILE A 226 3.62 -21.47 -10.02
N ASP A 227 4.67 -20.77 -10.47
CA ASP A 227 5.99 -20.88 -9.86
C ASP A 227 6.30 -19.70 -8.91
N ALA A 228 5.29 -18.92 -8.55
CA ALA A 228 5.55 -17.66 -7.85
C ALA A 228 6.20 -17.81 -6.48
N LYS A 229 6.24 -19.03 -5.96
CA LYS A 229 6.88 -19.27 -4.67
C LYS A 229 8.03 -20.26 -4.80
N LYS A 230 9.23 -19.74 -5.10
CA LYS A 230 10.43 -20.55 -5.22
C LYS A 230 11.61 -19.71 -5.73
N VAL A 237 8.83 -13.80 0.07
CA VAL A 237 8.48 -13.69 -1.35
C VAL A 237 6.99 -13.41 -1.54
N LEU A 238 6.17 -14.44 -1.33
CA LEU A 238 4.72 -14.29 -1.24
C LEU A 238 4.27 -15.16 -0.09
N ASN A 239 5.08 -15.12 0.97
CA ASN A 239 4.94 -16.01 2.10
C ASN A 239 3.61 -15.89 2.83
N PHE A 240 2.94 -14.74 2.71
CA PHE A 240 1.63 -14.59 3.34
C PHE A 240 0.46 -15.02 2.45
N PHE A 241 0.74 -15.42 1.21
CA PHE A 241 -0.33 -15.91 0.33
C PHE A 241 -0.47 -17.45 0.30
N ASN A 242 -1.71 -17.91 0.31
CA ASN A 242 -2.01 -19.19 -0.32
C ASN A 242 -2.35 -18.86 -1.76
N LEU A 243 -1.79 -19.61 -2.71
CA LEU A 243 -2.14 -19.44 -4.12
C LEU A 243 -3.02 -20.59 -4.64
N SER A 244 -4.11 -20.26 -5.36
CA SER A 244 -4.84 -21.25 -6.18
C SER A 244 -5.02 -20.81 -7.64
N VAL A 245 -4.97 -21.78 -8.55
CA VAL A 245 -5.27 -21.54 -9.95
C VAL A 245 -6.79 -21.54 -10.13
N GLY A 246 -7.29 -20.57 -10.88
CA GLY A 246 -8.73 -20.38 -11.03
C GLY A 246 -9.26 -21.04 -12.30
N PHE A 247 -10.36 -21.77 -12.17
CA PHE A 247 -11.04 -22.35 -13.33
C PHE A 247 -12.43 -21.80 -13.36
N PRO A 248 -12.63 -20.74 -14.13
CA PRO A 248 -13.93 -20.08 -14.15
C PRO A 248 -14.89 -20.84 -15.06
N MET A 249 -14.33 -21.67 -15.94
CA MET A 249 -15.14 -22.45 -16.88
C MET A 249 -15.64 -23.73 -16.22
N ASP A 250 -16.57 -24.42 -16.88
CA ASP A 250 -17.09 -25.68 -16.34
C ASP A 250 -15.96 -26.70 -16.16
N LYS A 251 -16.00 -27.42 -15.05
CA LYS A 251 -15.04 -28.49 -14.79
C LYS A 251 -15.04 -29.51 -15.93
N LYS A 252 -16.23 -29.85 -16.42
CA LYS A 252 -16.36 -30.85 -17.49
C LYS A 252 -15.52 -30.43 -18.68
N GLU A 253 -15.57 -29.14 -18.96
CA GLU A 253 -14.92 -28.56 -20.13
C GLU A 253 -13.41 -28.74 -20.06
N ILE A 254 -12.83 -28.47 -18.89
CA ILE A 254 -11.39 -28.63 -18.72
C ILE A 254 -10.98 -30.10 -18.80
N LEU A 255 -11.79 -30.97 -18.19
CA LEU A 255 -11.53 -32.40 -18.23
C LEU A 255 -11.48 -32.88 -19.68
N LYS A 256 -12.52 -32.52 -20.44
CA LYS A 256 -12.57 -32.80 -21.87
C LYS A 256 -11.29 -32.35 -22.59
N LEU A 257 -10.90 -31.10 -22.39
CA LEU A 257 -9.70 -30.58 -23.04
C LEU A 257 -8.49 -31.43 -22.68
N TYR A 258 -8.37 -31.79 -21.41
CA TYR A 258 -7.21 -32.54 -20.95
C TYR A 258 -7.13 -33.89 -21.65
N GLU A 259 -8.27 -34.56 -21.74
CA GLU A 259 -8.34 -35.90 -22.32
C GLU A 259 -8.01 -35.88 -23.81
N GLU A 260 -8.48 -34.85 -24.51
CA GLU A 260 -8.18 -34.66 -25.92
C GLU A 260 -6.76 -34.13 -26.14
N ASP A 261 -6.00 -33.98 -25.06
CA ASP A 261 -4.70 -33.34 -25.13
C ASP A 261 -4.82 -32.03 -25.90
N GLY A 262 -5.87 -31.27 -25.58
CA GLY A 262 -6.15 -30.03 -26.28
C GLY A 262 -5.28 -28.84 -25.85
N GLU A 263 -5.43 -27.74 -26.57
CA GLU A 263 -4.68 -26.54 -26.28
C GLU A 263 -5.57 -25.44 -25.67
N LEU A 264 -4.98 -24.66 -24.78
CA LEU A 264 -5.67 -23.57 -24.12
C LEU A 264 -5.10 -22.24 -24.56
N GLU A 265 -5.97 -21.31 -24.95
CA GLU A 265 -5.53 -19.97 -25.35
C GLU A 265 -5.39 -19.01 -24.16
N LEU A 266 -4.17 -18.52 -23.94
CA LEU A 266 -3.93 -17.53 -22.88
C LEU A 266 -4.16 -16.16 -23.47
N SER A 267 -5.02 -15.38 -22.84
CA SER A 267 -5.33 -14.07 -23.36
C SER A 267 -5.86 -13.17 -22.26
N HIS A 268 -5.96 -11.88 -22.55
CA HIS A 268 -6.49 -10.92 -21.59
C HIS A 268 -7.13 -9.80 -22.40
N PRO A 269 -8.24 -9.23 -21.91
CA PRO A 269 -8.96 -8.17 -22.62
C PRO A 269 -8.12 -6.91 -22.85
N ARG A 270 -7.33 -6.50 -21.85
CA ARG A 270 -6.56 -5.26 -21.95
C ARG A 270 -5.09 -5.51 -22.31
N SER A 271 -4.88 -6.47 -23.20
CA SER A 271 -3.55 -6.79 -23.72
C SER A 271 -3.59 -7.44 -25.09
N THR A 272 -2.54 -7.24 -25.89
CA THR A 272 -2.44 -7.91 -27.19
C THR A 272 -1.69 -9.22 -27.03
N ILE A 273 -1.11 -9.41 -25.85
CA ILE A 273 -0.38 -10.61 -25.47
C ILE A 273 -1.30 -11.83 -25.46
N ARG A 274 -1.11 -12.76 -26.40
CA ARG A 274 -1.83 -14.03 -26.38
C ARG A 274 -0.94 -15.22 -26.76
N LYS A 275 -1.37 -16.43 -26.43
CA LYS A 275 -0.49 -17.59 -26.49
C LYS A 275 -1.24 -18.91 -26.35
N LYS A 276 -0.80 -19.93 -27.09
CA LYS A 276 -1.36 -21.28 -26.96
C LYS A 276 -0.48 -22.15 -26.08
N VAL A 277 -1.10 -22.86 -25.15
CA VAL A 277 -0.39 -23.83 -24.32
C VAL A 277 -1.18 -25.12 -24.16
N LYS A 278 -0.46 -26.25 -24.08
CA LYS A 278 -1.11 -27.54 -23.88
C LYS A 278 -1.63 -27.60 -22.46
N ILE A 279 -2.92 -27.90 -22.30
CA ILE A 279 -3.53 -27.96 -20.98
C ILE A 279 -2.82 -28.98 -20.10
N ARG A 280 -2.32 -30.05 -20.71
CA ARG A 280 -1.63 -31.09 -19.94
C ARG A 280 -0.33 -30.58 -19.33
N GLU A 281 0.41 -29.78 -20.09
CA GLU A 281 1.65 -29.18 -19.62
C GLU A 281 1.38 -28.17 -18.50
N LEU A 282 0.29 -27.42 -18.64
CA LEU A 282 -0.12 -26.50 -17.59
C LEU A 282 -0.42 -27.26 -16.31
N PHE A 283 -1.20 -28.34 -16.44
CA PHE A 283 -1.54 -29.17 -15.29
C PHE A 283 -0.31 -29.80 -14.67
N ARG A 284 0.62 -30.24 -15.50
CA ARG A 284 1.83 -30.85 -14.96
C ARG A 284 2.68 -29.84 -14.19
N LYS A 285 2.65 -28.58 -14.63
CA LYS A 285 3.41 -27.53 -13.98
C LYS A 285 2.83 -27.31 -12.59
N ILE A 286 1.51 -27.16 -12.52
CA ILE A 286 0.82 -27.05 -11.25
C ILE A 286 1.11 -28.26 -10.34
N ALA A 287 1.00 -29.46 -10.90
CA ALA A 287 1.20 -30.67 -10.12
C ALA A 287 2.60 -30.72 -9.52
N THR A 288 3.60 -30.44 -10.37
CA THR A 288 4.99 -30.44 -9.95
C THR A 288 5.22 -29.48 -8.79
N ASN A 289 4.75 -28.24 -8.94
CA ASN A 289 4.88 -27.27 -7.86
C ASN A 289 4.19 -27.69 -6.58
N ALA A 290 2.97 -28.20 -6.72
CA ALA A 290 2.23 -28.68 -5.55
C ALA A 290 2.97 -29.85 -4.90
N TRP A 291 3.45 -30.77 -5.74
CA TRP A 291 4.25 -31.89 -5.27
C TRP A 291 5.42 -31.39 -4.43
N LYS A 292 5.97 -30.23 -4.80
CA LYS A 292 7.17 -29.71 -4.14
C LYS A 292 6.88 -28.96 -2.85
N SER A 293 5.72 -28.32 -2.79
CA SER A 293 5.49 -27.27 -1.80
C SER A 293 4.05 -27.10 -1.37
N GLY A 294 3.12 -27.82 -2.00
CA GLY A 294 1.72 -27.71 -1.63
C GLY A 294 0.97 -26.55 -2.24
N ASP A 295 1.64 -25.76 -3.08
CA ASP A 295 0.98 -24.68 -3.81
C ASP A 295 1.33 -24.77 -5.28
N PRO A 296 0.46 -24.27 -6.15
CA PRO A 296 -0.85 -23.69 -5.83
C PRO A 296 -1.95 -24.77 -5.76
N GLY A 297 -3.10 -24.44 -5.21
CA GLY A 297 -4.25 -25.31 -5.29
C GLY A 297 -5.08 -25.05 -6.54
N LEU A 298 -6.24 -25.70 -6.61
CA LEU A 298 -7.18 -25.48 -7.69
C LEU A 298 -8.46 -24.91 -7.11
N ALA A 299 -8.97 -23.85 -7.73
CA ALA A 299 -10.25 -23.27 -7.36
C ALA A 299 -11.19 -23.43 -8.54
N PHE A 300 -12.17 -24.32 -8.40
CA PHE A 300 -13.18 -24.54 -9.46
C PHE A 300 -14.30 -23.51 -9.36
N LEU A 301 -13.95 -22.27 -9.66
CA LEU A 301 -14.87 -21.14 -9.64
C LEU A 301 -16.17 -21.37 -10.42
N GLY A 302 -16.07 -21.93 -11.62
CA GLY A 302 -17.26 -22.21 -12.42
C GLY A 302 -18.21 -23.16 -11.68
N GLU A 303 -17.61 -24.11 -10.98
CA GLU A 303 -18.38 -25.05 -10.17
C GLU A 303 -19.04 -24.33 -8.99
N MET A 304 -18.40 -23.28 -8.47
CA MET A 304 -18.99 -22.54 -7.36
C MET A 304 -20.18 -21.72 -7.81
N ASN A 305 -20.09 -21.17 -9.01
CA ASN A 305 -21.15 -20.32 -9.54
C ASN A 305 -22.35 -21.17 -9.95
N LYS A 306 -22.06 -22.38 -10.38
CA LYS A 306 -23.09 -23.35 -10.77
C LYS A 306 -24.12 -23.52 -9.66
N TYR A 307 -23.66 -23.39 -8.42
CA TYR A 307 -24.52 -23.52 -7.24
C TYR A 307 -24.72 -22.20 -6.51
N TYR A 308 -24.31 -21.09 -7.12
CA TYR A 308 -24.47 -19.76 -6.53
C TYR A 308 -25.85 -19.21 -6.88
N PRO A 309 -26.72 -19.04 -5.88
CA PRO A 309 -28.11 -18.63 -6.07
C PRO A 309 -28.28 -17.25 -6.70
N LEU A 310 -27.21 -16.46 -6.71
CA LEU A 310 -27.32 -15.10 -7.24
C LEU A 310 -26.64 -14.97 -8.60
N TYR A 311 -25.94 -16.02 -9.01
CA TYR A 311 -25.29 -16.05 -10.33
C TYR A 311 -26.34 -15.97 -11.43
N PRO A 312 -26.07 -15.20 -12.50
CA PRO A 312 -24.88 -14.38 -12.74
C PRO A 312 -25.05 -12.90 -12.42
N HIS A 313 -26.18 -12.50 -11.84
CA HIS A 313 -26.34 -11.11 -11.42
C HIS A 313 -25.12 -10.71 -10.60
N ARG A 314 -24.72 -11.62 -9.72
CA ARG A 314 -23.48 -11.48 -8.98
C ARG A 314 -22.67 -12.73 -9.25
N LYS A 315 -21.36 -12.66 -8.98
CA LYS A 315 -20.48 -13.69 -9.46
C LYS A 315 -19.38 -14.00 -8.43
N ILE A 316 -19.16 -15.29 -8.15
CA ILE A 316 -18.04 -15.70 -7.28
C ILE A 316 -16.73 -15.79 -8.05
N ASN A 317 -15.73 -15.02 -7.62
CA ASN A 317 -14.41 -14.95 -8.26
C ASN A 317 -13.28 -15.48 -7.40
N SER A 318 -13.53 -15.64 -6.10
CA SER A 318 -12.45 -15.99 -5.20
C SER A 318 -12.98 -16.61 -3.92
N THR A 319 -12.08 -17.22 -3.17
CA THR A 319 -12.43 -17.74 -1.87
C THR A 319 -11.66 -16.94 -0.83
N ASN A 320 -12.04 -17.12 0.44
CA ASN A 320 -11.21 -16.73 1.55
C ASN A 320 -9.95 -17.56 1.50
N PRO A 321 -8.98 -17.27 2.39
CA PRO A 321 -7.66 -17.94 2.43
C PRO A 321 -7.66 -19.46 2.57
N CYS A 322 -8.65 -20.04 3.25
CA CYS A 322 -8.63 -21.49 3.46
C CYS A 322 -9.55 -22.24 2.50
N GLY A 323 -10.13 -21.51 1.56
CA GLY A 323 -10.89 -22.09 0.47
C GLY A 323 -12.36 -22.39 0.72
N GLU A 324 -12.77 -22.47 1.99
CA GLU A 324 -14.10 -23.02 2.26
C GLU A 324 -15.25 -22.14 1.85
N ILE A 325 -15.04 -20.84 1.65
CA ILE A 325 -16.16 -19.99 1.27
C ILE A 325 -15.93 -19.27 -0.06
N GLY A 326 -16.81 -19.50 -1.01
CA GLY A 326 -16.76 -18.78 -2.27
C GLY A 326 -17.54 -17.48 -2.09
N LEU A 327 -16.92 -16.35 -2.40
CA LEU A 327 -17.52 -15.04 -2.12
C LEU A 327 -17.47 -14.13 -3.35
N SER A 328 -18.54 -13.37 -3.57
CA SER A 328 -18.57 -12.40 -4.66
C SER A 328 -17.84 -11.17 -4.15
N ASP A 329 -17.63 -10.17 -5.02
CA ASP A 329 -16.84 -9.00 -4.64
C ASP A 329 -17.39 -8.24 -3.42
N TYR A 330 -16.52 -8.02 -2.42
CA TYR A 330 -16.85 -7.29 -1.18
C TYR A 330 -17.71 -8.07 -0.20
N GLU A 331 -17.98 -9.33 -0.49
CA GLU A 331 -18.82 -10.12 0.41
C GLU A 331 -17.98 -10.70 1.53
N ALA A 332 -18.57 -10.83 2.71
CA ALA A 332 -17.92 -11.53 3.81
C ALA A 332 -18.85 -12.58 4.40
N CYS A 333 -18.28 -13.53 5.13
CA CYS A 333 -19.07 -14.62 5.70
C CYS A 333 -18.58 -14.93 7.10
N ASN A 334 -19.52 -15.10 8.05
CA ASN A 334 -19.15 -15.60 9.38
C ASN A 334 -19.43 -17.12 9.58
N LEU A 335 -18.51 -17.81 10.25
CA LEU A 335 -18.58 -19.27 10.42
C LEU A 335 -18.80 -19.69 11.87
N GLY A 336 -19.26 -20.92 12.05
CA GLY A 336 -19.37 -21.56 13.34
C GLY A 336 -19.48 -23.06 13.13
N SER A 337 -18.98 -23.86 14.06
CA SER A 337 -19.06 -25.32 13.95
C SER A 337 -19.68 -26.01 15.16
N ILE A 338 -20.34 -27.14 14.87
CA ILE A 338 -20.88 -28.04 15.90
C ILE A 338 -19.93 -29.22 16.12
N ASP A 339 -19.65 -29.53 17.39
CA ASP A 339 -18.78 -30.67 17.72
C ASP A 339 -19.62 -31.95 17.75
N VAL A 340 -19.57 -32.70 16.66
CA VAL A 340 -20.47 -33.83 16.54
C VAL A 340 -20.05 -35.03 17.39
N ALA A 341 -18.76 -35.13 17.70
CA ALA A 341 -18.27 -36.18 18.59
C ALA A 341 -18.99 -36.18 19.94
N LYS A 342 -19.49 -35.01 20.33
CA LYS A 342 -20.26 -34.86 21.56
C LYS A 342 -21.69 -35.38 21.41
N PHE A 343 -22.10 -35.66 20.17
CA PHE A 343 -23.45 -36.18 19.93
C PHE A 343 -23.53 -37.73 19.85
N TYR A 344 -22.41 -38.38 20.10
CA TYR A 344 -22.37 -39.84 20.13
C TYR A 344 -23.18 -40.30 21.33
N ASN A 345 -23.98 -41.33 21.10
CA ASN A 345 -24.83 -41.88 22.14
C ASN A 345 -25.19 -43.33 21.84
N ASN A 346 -24.46 -44.25 22.46
CA ASN A 346 -24.74 -45.69 22.34
C ASN A 346 -24.79 -46.15 20.88
N GLY A 347 -23.68 -45.98 20.17
CA GLY A 347 -23.58 -46.42 18.79
C GLY A 347 -24.43 -45.69 17.78
N PHE A 348 -24.99 -44.54 18.16
CA PHE A 348 -25.82 -43.74 17.25
C PHE A 348 -25.58 -42.22 17.33
N VAL A 349 -25.78 -41.53 16.21
CA VAL A 349 -25.77 -40.07 16.25
C VAL A 349 -27.13 -39.57 16.71
N ASP A 350 -27.13 -38.74 17.74
CA ASP A 350 -28.36 -38.27 18.38
C ASP A 350 -29.00 -37.17 17.51
N LEU A 351 -29.83 -37.59 16.56
CA LEU A 351 -30.41 -36.65 15.61
C LEU A 351 -31.49 -35.76 16.21
N GLU A 352 -31.86 -36.04 17.46
CA GLU A 352 -32.86 -35.22 18.15
C GLU A 352 -32.22 -33.97 18.75
N ALA A 353 -31.10 -34.16 19.43
CA ALA A 353 -30.38 -33.07 20.06
C ALA A 353 -29.73 -32.23 18.97
N LEU A 354 -29.13 -32.93 18.00
CA LEU A 354 -28.44 -32.27 16.89
C LEU A 354 -29.36 -31.35 16.08
N GLN A 355 -30.56 -31.82 15.77
CA GLN A 355 -31.52 -30.98 15.06
C GLN A 355 -31.76 -29.68 15.81
N GLU A 356 -32.07 -29.79 17.09
CA GLU A 356 -32.25 -28.62 17.96
C GLU A 356 -31.04 -27.70 17.85
N LEU A 357 -29.84 -28.26 17.95
CA LEU A 357 -28.64 -27.42 17.95
C LEU A 357 -28.40 -26.71 16.61
N VAL A 358 -28.82 -27.34 15.51
CA VAL A 358 -28.68 -26.73 14.18
C VAL A 358 -29.51 -25.47 14.09
N GLN A 359 -30.74 -25.56 14.58
CA GLN A 359 -31.66 -24.43 14.57
C GLN A 359 -31.11 -23.28 15.40
N ILE A 360 -30.53 -23.62 16.55
CA ILE A 360 -29.94 -22.62 17.42
C ILE A 360 -28.72 -21.96 16.77
N ALA A 361 -27.83 -22.79 16.23
CA ALA A 361 -26.63 -22.31 15.58
C ALA A 361 -26.93 -21.43 14.38
N VAL A 362 -27.89 -21.82 13.55
CA VAL A 362 -28.19 -20.98 12.39
C VAL A 362 -28.69 -19.62 12.85
N ARG A 363 -29.46 -19.60 13.93
CA ARG A 363 -29.96 -18.34 14.45
C ARG A 363 -28.84 -17.47 15.03
N PHE A 364 -27.94 -18.11 15.79
CA PHE A 364 -26.77 -17.45 16.37
C PHE A 364 -25.92 -16.79 15.28
N LEU A 365 -25.61 -17.56 14.25
CA LEU A 365 -24.79 -17.09 13.15
C LEU A 365 -25.46 -15.96 12.38
N ASP A 366 -26.77 -16.07 12.19
CA ASP A 366 -27.50 -15.06 11.47
C ASP A 366 -27.55 -13.78 12.30
N ASN A 367 -27.62 -13.93 13.61
CA ASN A 367 -27.60 -12.78 14.51
C ASN A 367 -26.24 -12.09 14.54
N VAL A 368 -25.17 -12.87 14.35
CA VAL A 368 -23.82 -12.31 14.36
C VAL A 368 -23.71 -11.19 13.32
N ILE A 369 -24.37 -11.38 12.19
CA ILE A 369 -24.39 -10.39 11.14
C ILE A 369 -24.87 -9.05 11.66
N ASP A 370 -25.93 -9.09 12.46
CA ASP A 370 -26.59 -7.90 13.00
C ASP A 370 -25.68 -7.05 13.90
N VAL A 371 -24.85 -7.72 14.69
CA VAL A 371 -24.00 -7.02 15.65
C VAL A 371 -22.57 -6.89 15.15
N ASN A 372 -22.39 -7.20 13.86
CA ASN A 372 -21.09 -7.17 13.21
C ASN A 372 -20.71 -5.79 12.68
N VAL A 373 -19.44 -5.42 12.79
CA VAL A 373 -18.96 -4.15 12.22
C VAL A 373 -17.81 -4.37 11.25
N PHE A 374 -18.00 -3.97 9.99
CA PHE A 374 -16.98 -4.16 8.96
C PHE A 374 -16.19 -2.86 8.72
N PRO A 375 -14.90 -2.98 8.37
CA PRO A 375 -14.04 -1.81 8.13
C PRO A 375 -14.34 -1.10 6.82
N ILE A 376 -15.25 -1.65 6.02
CA ILE A 376 -15.57 -1.04 4.73
C ILE A 376 -17.06 -1.08 4.46
N ASP A 377 -17.58 0.04 3.95
CA ASP A 377 -19.01 0.17 3.73
C ASP A 377 -19.56 -0.73 2.63
N LYS A 378 -18.75 -1.02 1.61
CA LYS A 378 -19.19 -1.91 0.54
C LYS A 378 -19.39 -3.35 1.05
N ILE A 379 -18.56 -3.75 2.00
CA ILE A 379 -18.69 -5.05 2.63
C ILE A 379 -19.97 -5.09 3.47
N THR A 380 -20.20 -4.05 4.26
CA THR A 380 -21.42 -3.98 5.06
C THR A 380 -22.65 -4.17 4.18
N LYS A 381 -22.67 -3.49 3.04
CA LYS A 381 -23.79 -3.58 2.12
C LYS A 381 -23.96 -5.01 1.59
N ALA A 382 -22.88 -5.59 1.09
CA ALA A 382 -22.91 -6.93 0.50
C ALA A 382 -23.37 -8.02 1.48
N VAL A 383 -22.86 -7.97 2.71
CA VAL A 383 -23.28 -8.90 3.74
C VAL A 383 -24.77 -8.75 4.05
N LYS A 384 -25.25 -7.50 4.10
CA LYS A 384 -26.66 -7.25 4.43
C LYS A 384 -27.58 -7.69 3.31
N GLU A 385 -27.10 -7.63 2.08
CA GLU A 385 -27.89 -8.05 0.93
C GLU A 385 -28.08 -9.56 0.85
N SER A 386 -27.03 -10.31 1.19
CA SER A 386 -27.01 -11.77 1.01
C SER A 386 -27.22 -12.59 2.29
N ARG A 387 -26.65 -12.11 3.39
CA ARG A 387 -26.72 -12.80 4.68
C ARG A 387 -26.23 -14.25 4.59
N ARG A 388 -25.11 -14.44 3.89
CA ARG A 388 -24.50 -15.75 3.78
C ARG A 388 -23.94 -16.20 5.14
N LEU A 389 -24.22 -17.45 5.51
CA LEU A 389 -23.63 -18.02 6.72
C LEU A 389 -22.78 -19.24 6.42
N GLY A 390 -21.94 -19.62 7.38
CA GLY A 390 -21.06 -20.76 7.24
C GLY A 390 -21.10 -21.75 8.41
N LEU A 391 -22.24 -22.40 8.60
CA LEU A 391 -22.40 -23.44 9.62
C LEU A 391 -21.71 -24.72 9.21
N GLY A 392 -20.82 -25.22 10.06
CA GLY A 392 -20.08 -26.45 9.79
C GLY A 392 -19.95 -27.38 10.99
N ILE A 393 -19.03 -28.34 10.90
CA ILE A 393 -18.79 -29.24 12.02
C ILE A 393 -17.31 -29.45 12.31
N MET A 394 -17.04 -29.85 13.54
CA MET A 394 -15.76 -30.41 13.93
C MET A 394 -16.05 -31.69 14.74
N GLY A 395 -15.01 -32.38 15.17
CA GLY A 395 -15.18 -33.60 15.94
C GLY A 395 -15.56 -34.82 15.11
N PHE A 396 -15.59 -34.66 13.79
CA PHE A 396 -16.02 -35.74 12.91
C PHE A 396 -15.12 -36.98 13.06
N ALA A 397 -13.80 -36.83 12.93
CA ALA A 397 -12.94 -38.00 13.02
C ALA A 397 -13.12 -38.75 14.35
N ASP A 398 -13.16 -38.00 15.44
CA ASP A 398 -13.36 -38.56 16.75
C ASP A 398 -14.72 -39.26 16.87
N LEU A 399 -15.70 -38.75 16.13
CA LEU A 399 -17.05 -39.34 16.11
C LEU A 399 -16.99 -40.73 15.48
N LEU A 400 -16.24 -40.84 14.39
CA LEU A 400 -16.02 -42.13 13.73
C LEU A 400 -15.34 -43.10 14.69
N TYR A 401 -14.35 -42.61 15.42
CA TYR A 401 -13.65 -43.42 16.41
C TYR A 401 -14.66 -44.03 17.39
N LYS A 402 -15.62 -43.23 17.82
CA LYS A 402 -16.65 -43.69 18.74
C LYS A 402 -17.59 -44.69 18.07
N LEU A 403 -17.96 -44.44 16.82
CA LEU A 403 -18.83 -45.34 16.08
C LEU A 403 -18.04 -46.52 15.52
N GLU A 404 -16.72 -46.48 15.73
CA GLU A 404 -15.83 -47.56 15.30
C GLU A 404 -15.85 -47.76 13.78
N ILE A 405 -15.98 -46.65 13.05
CA ILE A 405 -15.98 -46.67 11.60
C ILE A 405 -14.66 -46.15 11.04
N PRO A 406 -14.03 -46.95 10.16
CA PRO A 406 -12.78 -46.50 9.53
C PRO A 406 -13.05 -45.27 8.67
N TYR A 407 -12.22 -44.24 8.80
CA TYR A 407 -12.39 -43.00 8.03
C TYR A 407 -12.27 -43.31 6.54
N ASN A 408 -11.25 -44.09 6.19
CA ASN A 408 -11.02 -44.54 4.82
C ASN A 408 -11.85 -45.77 4.47
N SER A 409 -13.16 -45.56 4.36
CA SER A 409 -14.09 -46.65 4.02
C SER A 409 -15.34 -46.06 3.41
N GLN A 410 -16.03 -46.81 2.57
CA GLN A 410 -17.31 -46.34 2.08
C GLN A 410 -18.29 -46.15 3.24
N GLU A 411 -18.16 -46.96 4.29
CA GLU A 411 -19.07 -46.79 5.41
C GLU A 411 -18.98 -45.37 5.96
N ALA A 412 -17.75 -44.90 6.17
CA ALA A 412 -17.51 -43.57 6.70
C ALA A 412 -18.16 -42.52 5.80
N ARG A 413 -17.97 -42.68 4.49
CA ARG A 413 -18.39 -41.67 3.53
C ARG A 413 -19.90 -41.60 3.38
N ASP A 414 -20.57 -42.73 3.55
CA ASP A 414 -22.02 -42.76 3.48
C ASP A 414 -22.57 -42.12 4.74
N PHE A 415 -21.97 -42.46 5.87
CA PHE A 415 -22.34 -41.84 7.13
C PHE A 415 -22.13 -40.32 7.04
N ALA A 416 -20.97 -39.91 6.50
CA ALA A 416 -20.68 -38.47 6.35
C ALA A 416 -21.75 -37.75 5.53
N ALA A 417 -22.01 -38.24 4.32
CA ALA A 417 -23.01 -37.63 3.46
C ALA A 417 -24.35 -37.55 4.18
N ASN A 418 -24.72 -38.65 4.84
CA ASN A 418 -25.97 -38.68 5.60
C ASN A 418 -26.04 -37.64 6.72
N LEU A 419 -24.97 -37.56 7.51
CA LEU A 419 -24.88 -36.58 8.59
C LEU A 419 -25.00 -35.13 8.07
N MET A 420 -24.25 -34.84 7.01
CA MET A 420 -24.24 -33.48 6.44
C MET A 420 -25.63 -33.17 5.89
N ALA A 421 -26.25 -34.16 5.24
CA ALA A 421 -27.57 -33.99 4.65
C ALA A 421 -28.58 -33.58 5.70
N PHE A 422 -28.54 -34.24 6.85
CA PHE A 422 -29.44 -33.94 7.95
C PHE A 422 -29.27 -32.49 8.37
N ILE A 423 -28.03 -32.11 8.62
CA ILE A 423 -27.72 -30.73 8.99
C ILE A 423 -28.16 -29.76 7.89
N ALA A 424 -27.91 -30.14 6.64
CA ALA A 424 -28.21 -29.24 5.53
C ALA A 424 -29.69 -28.97 5.53
N LEU A 425 -30.47 -30.05 5.64
CA LEU A 425 -31.94 -29.99 5.66
C LEU A 425 -32.48 -29.09 6.76
N HIS A 426 -32.03 -29.33 7.99
CA HIS A 426 -32.48 -28.53 9.13
C HIS A 426 -31.91 -27.10 9.14
N ALA A 427 -30.76 -26.91 8.52
CA ALA A 427 -30.20 -25.56 8.39
C ALA A 427 -31.10 -24.69 7.51
N HIS A 428 -31.40 -25.21 6.31
CA HIS A 428 -32.26 -24.51 5.37
C HIS A 428 -33.71 -24.45 5.88
N ARG A 429 -34.13 -25.44 6.66
CA ARG A 429 -35.43 -25.36 7.31
C ARG A 429 -35.43 -24.14 8.20
N THR A 430 -34.41 -24.04 9.03
CA THR A 430 -34.31 -22.94 9.97
C THR A 430 -34.25 -21.60 9.24
N SER A 431 -33.52 -21.52 8.13
CA SER A 431 -33.41 -20.27 7.39
C SER A 431 -34.77 -19.86 6.84
N TYR A 432 -35.59 -20.85 6.52
CA TYR A 432 -36.96 -20.61 6.09
C TYR A 432 -37.75 -19.91 7.20
N GLU A 433 -37.68 -20.46 8.40
CA GLU A 433 -38.44 -19.94 9.54
C GLU A 433 -37.90 -18.55 9.90
N LEU A 434 -36.59 -18.40 9.88
CA LEU A 434 -35.96 -17.10 10.17
C LEU A 434 -36.34 -16.06 9.11
N GLY A 435 -36.42 -16.48 7.85
CA GLY A 435 -36.89 -15.59 6.80
C GLY A 435 -38.32 -15.17 7.08
N LYS A 436 -39.10 -16.09 7.63
CA LYS A 436 -40.50 -15.83 7.96
C LYS A 436 -40.62 -14.87 9.14
N GLU A 437 -39.86 -15.12 10.20
CA GLU A 437 -39.94 -14.33 11.43
C GLU A 437 -39.31 -12.93 11.32
N LYS A 438 -38.20 -12.83 10.60
CA LYS A 438 -37.41 -11.60 10.59
C LYS A 438 -37.37 -10.86 9.25
N GLY A 439 -37.72 -11.55 8.17
CA GLY A 439 -37.63 -10.96 6.85
C GLY A 439 -36.60 -11.68 6.00
N ASN A 440 -36.88 -11.81 4.71
CA ASN A 440 -35.96 -12.46 3.77
C ASN A 440 -34.70 -11.63 3.57
N PHE A 441 -33.66 -12.23 3.01
CA PHE A 441 -32.51 -11.43 2.62
C PHE A 441 -32.92 -10.64 1.38
N PRO A 442 -32.49 -9.37 1.29
CA PRO A 442 -33.07 -8.46 0.30
C PRO A 442 -32.99 -8.98 -1.13
N LEU A 443 -32.01 -9.81 -1.41
CA LEU A 443 -31.80 -10.35 -2.74
C LEU A 443 -32.53 -11.66 -3.05
N LEU A 444 -33.34 -12.16 -2.12
CA LEU A 444 -34.06 -13.41 -2.39
C LEU A 444 -34.76 -13.31 -3.74
N GLU A 445 -35.37 -12.15 -3.98
CA GLU A 445 -36.23 -11.95 -5.14
C GLU A 445 -35.54 -12.20 -6.47
N ILE A 446 -34.25 -11.93 -6.54
CA ILE A 446 -33.52 -12.05 -7.79
C ILE A 446 -32.64 -13.29 -7.79
N SER A 447 -32.81 -14.14 -6.77
CA SER A 447 -32.02 -15.36 -6.65
C SER A 447 -32.72 -16.55 -7.30
N ARG A 448 -31.95 -17.56 -7.64
CA ARG A 448 -32.48 -18.75 -8.28
C ARG A 448 -33.49 -19.52 -7.42
N TYR A 449 -33.48 -19.27 -6.10
CA TYR A 449 -34.52 -19.84 -5.24
C TYR A 449 -35.90 -19.35 -5.67
N ARG A 450 -35.93 -18.25 -6.43
CA ARG A 450 -37.19 -17.66 -6.87
C ARG A 450 -37.39 -17.76 -8.38
N THR A 451 -36.33 -17.51 -9.15
CA THR A 451 -36.43 -17.46 -10.60
C THR A 451 -36.31 -18.83 -11.26
N GLU A 452 -36.02 -19.85 -10.44
CA GLU A 452 -35.84 -21.20 -10.94
C GLU A 452 -36.85 -22.14 -10.31
N ASP A 453 -37.07 -23.27 -10.96
CA ASP A 453 -37.77 -24.38 -10.32
C ASP A 453 -36.73 -25.47 -10.04
N ASN A 454 -36.81 -26.04 -8.85
CA ASN A 454 -35.91 -27.12 -8.45
C ASN A 454 -34.45 -26.70 -8.26
N PHE A 455 -34.23 -25.44 -7.89
CA PHE A 455 -32.87 -25.02 -7.60
C PHE A 455 -32.41 -25.65 -6.30
N VAL A 456 -31.28 -26.35 -6.38
CA VAL A 456 -30.65 -26.88 -5.17
C VAL A 456 -29.19 -26.40 -5.10
N PRO A 457 -28.83 -25.74 -3.99
CA PRO A 457 -27.52 -25.14 -3.70
C PRO A 457 -26.36 -26.13 -3.71
N PHE A 458 -26.63 -27.41 -3.92
CA PHE A 458 -25.55 -28.42 -3.94
C PHE A 458 -25.96 -29.70 -4.71
N ALA A 459 -25.00 -30.62 -4.87
CA ALA A 459 -25.15 -31.75 -5.77
C ALA A 459 -26.11 -32.83 -5.26
N MET A 460 -26.04 -33.12 -3.96
CA MET A 460 -26.76 -34.24 -3.35
C MET A 460 -26.33 -35.60 -3.91
N GLY A 461 -27.24 -36.56 -3.86
CA GLY A 461 -27.05 -37.86 -4.50
C GLY A 461 -26.33 -38.93 -3.70
N MET A 462 -26.27 -38.76 -2.38
CA MET A 462 -25.65 -39.77 -1.51
C MET A 462 -26.42 -39.94 -0.21
N SER A 463 -27.68 -39.56 -0.19
CA SER A 463 -28.48 -39.71 1.02
C SER A 463 -29.96 -39.96 0.72
N ASN A 464 -30.64 -40.56 1.68
CA ASN A 464 -32.07 -40.76 1.60
C ASN A 464 -32.79 -39.45 1.84
N TYR A 465 -32.04 -38.46 2.33
CA TYR A 465 -32.63 -37.18 2.69
C TYR A 465 -32.95 -36.29 1.49
N ASP A 466 -32.42 -36.62 0.32
CA ASP A 466 -32.52 -35.73 -0.84
C ASP A 466 -33.92 -35.17 -1.08
N ASP A 467 -34.91 -36.05 -1.17
CA ASP A 467 -36.27 -35.65 -1.49
C ASP A 467 -36.78 -34.58 -0.55
N GLU A 468 -36.48 -34.73 0.74
CA GLU A 468 -36.96 -33.80 1.76
C GLU A 468 -36.20 -32.48 1.65
N ILE A 469 -34.95 -32.54 1.20
CA ILE A 469 -34.19 -31.33 0.96
C ILE A 469 -34.74 -30.62 -0.26
N ARG A 470 -35.08 -31.38 -1.30
CA ARG A 470 -35.57 -30.79 -2.53
C ARG A 470 -36.84 -29.99 -2.28
N GLU A 471 -37.66 -30.47 -1.35
CA GLU A 471 -38.88 -29.78 -1.01
C GLU A 471 -38.63 -28.52 -0.18
N VAL A 472 -37.77 -28.64 0.83
CA VAL A 472 -37.49 -27.50 1.69
C VAL A 472 -36.88 -26.35 0.89
N MET A 473 -36.23 -26.68 -0.22
CA MET A 473 -35.75 -25.66 -1.15
C MET A 473 -36.92 -24.97 -1.83
N LYS A 474 -37.93 -25.74 -2.23
CA LYS A 474 -39.13 -25.17 -2.83
C LYS A 474 -39.77 -24.14 -1.90
N MET A 475 -39.83 -24.45 -0.61
CA MET A 475 -40.49 -23.57 0.37
C MET A 475 -39.72 -22.27 0.55
N THR A 476 -38.40 -22.33 0.44
CA THR A 476 -37.56 -21.14 0.57
C THR A 476 -37.71 -20.21 -0.62
N LYS A 477 -38.56 -20.59 -1.58
CA LYS A 477 -38.92 -19.67 -2.65
C LYS A 477 -39.66 -18.47 -2.05
N GLU A 478 -40.43 -18.72 -1.00
CA GLU A 478 -41.23 -17.68 -0.35
C GLU A 478 -40.51 -17.03 0.83
N PHE A 479 -39.87 -17.86 1.67
CA PHE A 479 -39.18 -17.36 2.85
C PHE A 479 -37.77 -17.92 2.97
N ARG A 480 -36.78 -17.03 2.95
CA ARG A 480 -35.38 -17.42 3.06
C ARG A 480 -34.58 -16.28 3.67
N ARG A 481 -33.97 -16.54 4.82
CA ARG A 481 -33.25 -15.52 5.54
C ARG A 481 -31.82 -15.38 5.05
N ASN A 482 -31.27 -16.47 4.50
CA ASN A 482 -29.86 -16.51 4.09
C ASN A 482 -29.66 -17.08 2.69
N VAL A 483 -28.72 -16.52 1.94
CA VAL A 483 -28.50 -16.99 0.57
C VAL A 483 -27.85 -18.37 0.51
N ALA A 484 -27.03 -18.67 1.51
CA ALA A 484 -26.36 -19.96 1.64
C ALA A 484 -25.97 -20.10 3.09
N LEU A 485 -25.76 -21.33 3.56
CA LEU A 485 -25.74 -21.59 5.00
C LEU A 485 -24.59 -22.41 5.54
N LEU A 486 -23.95 -23.21 4.70
CA LEU A 486 -23.09 -24.29 5.22
C LEU A 486 -21.67 -24.27 4.69
N THR A 487 -20.74 -24.70 5.54
CA THR A 487 -19.37 -24.89 5.13
C THR A 487 -18.69 -25.90 6.05
N ILE A 488 -17.53 -26.39 5.64
CA ILE A 488 -16.66 -27.09 6.57
C ILE A 488 -15.34 -26.38 6.59
N ALA A 489 -15.02 -25.79 7.74
CA ALA A 489 -13.81 -25.00 7.90
C ALA A 489 -12.72 -25.85 8.54
N PRO A 490 -11.50 -25.31 8.65
CA PRO A 490 -10.42 -26.04 9.30
C PRO A 490 -10.59 -26.17 10.82
N THR A 491 -11.27 -25.22 11.44
CA THR A 491 -11.46 -25.19 12.90
C THR A 491 -10.19 -25.47 13.70
N GLY A 492 -9.03 -25.27 13.10
CA GLY A 492 -7.77 -25.45 13.82
C GLY A 492 -7.81 -25.02 15.28
N SER A 493 -8.25 -23.80 15.55
CA SER A 493 -8.23 -23.28 16.92
C SER A 493 -9.45 -23.63 17.78
N ILE A 494 -10.65 -23.57 17.19
CA ILE A 494 -11.85 -23.80 18.00
C ILE A 494 -12.04 -25.28 18.32
N SER A 495 -11.42 -26.15 17.53
CA SER A 495 -11.46 -27.58 17.82
C SER A 495 -10.52 -27.92 18.98
N ASN A 496 -9.45 -27.14 19.18
CA ASN A 496 -8.61 -27.33 20.36
C ASN A 496 -9.33 -26.87 21.63
N ILE A 497 -10.12 -25.81 21.49
CA ILE A 497 -10.93 -25.34 22.60
C ILE A 497 -11.99 -26.38 22.94
N ALA A 498 -12.58 -26.97 21.92
CA ALA A 498 -13.62 -27.98 22.14
C ALA A 498 -13.03 -29.37 22.32
N ASP A 499 -11.75 -29.42 22.66
CA ASP A 499 -11.06 -30.70 22.90
C ASP A 499 -11.53 -31.81 21.98
N THR A 500 -11.65 -31.52 20.69
CA THR A 500 -12.13 -32.51 19.72
C THR A 500 -11.27 -32.44 18.45
N SER A 501 -11.60 -33.28 17.47
CA SER A 501 -10.83 -33.30 16.22
C SER A 501 -11.22 -32.13 15.35
N SER A 502 -10.42 -31.85 14.34
CA SER A 502 -10.60 -30.65 13.52
C SER A 502 -11.50 -30.84 12.31
N GLY A 503 -12.53 -30.01 12.20
CA GLY A 503 -13.38 -30.00 11.01
C GLY A 503 -13.74 -31.40 10.56
N LEU A 504 -13.52 -31.69 9.27
CA LEU A 504 -13.81 -33.01 8.72
C LEU A 504 -12.56 -33.86 8.53
N GLU A 505 -11.42 -33.34 8.98
CA GLU A 505 -10.15 -34.04 8.82
C GLU A 505 -9.97 -35.21 9.80
N PRO A 506 -9.32 -36.29 9.34
CA PRO A 506 -8.96 -37.34 10.30
C PRO A 506 -7.96 -36.74 11.27
N ASN A 507 -7.73 -37.37 12.40
CA ASN A 507 -6.67 -36.92 13.27
C ASN A 507 -5.35 -37.10 12.55
N PHE A 508 -4.46 -36.12 12.67
CA PHE A 508 -3.17 -36.29 12.05
C PHE A 508 -2.35 -37.30 12.85
N LEU A 509 -2.47 -37.24 14.17
CA LEU A 509 -1.75 -38.16 15.03
C LEU A 509 -2.59 -38.60 16.23
N LEU A 510 -2.37 -39.83 16.70
CA LEU A 510 -3.09 -40.34 17.86
C LEU A 510 -2.36 -40.07 19.16
N ALA A 511 -1.07 -39.75 19.05
CA ALA A 511 -0.26 -39.47 20.22
C ALA A 511 0.92 -38.57 19.91
N TYR A 512 1.29 -37.72 20.87
CA TYR A 512 2.46 -36.86 20.75
C TYR A 512 2.73 -36.11 22.04
N THR A 513 3.99 -35.76 22.26
CA THR A 513 4.40 -35.06 23.48
C THR A 513 3.88 -33.62 23.49
N LEU A 526 5.30 -33.50 28.65
CA LEU A 526 3.95 -34.04 28.78
C LEU A 526 3.45 -34.71 27.50
N LEU A 527 3.04 -35.97 27.62
CA LEU A 527 2.54 -36.74 26.48
C LEU A 527 1.02 -36.67 26.38
N TYR A 528 0.52 -36.75 25.14
CA TYR A 528 -0.92 -36.82 24.91
C TYR A 528 -1.27 -38.01 24.05
N VAL A 529 -2.38 -38.65 24.38
CA VAL A 529 -2.93 -39.74 23.59
C VAL A 529 -4.40 -39.47 23.32
N ASN A 530 -4.84 -39.71 22.09
CA ASN A 530 -6.23 -39.40 21.72
C ASN A 530 -7.22 -39.88 22.77
N GLN A 531 -8.08 -38.97 23.22
CA GLN A 531 -9.03 -39.27 24.29
C GLN A 531 -9.94 -40.48 24.04
N VAL A 532 -10.24 -40.79 22.78
CA VAL A 532 -11.09 -41.93 22.48
C VAL A 532 -10.31 -43.23 22.35
N LEU A 533 -9.13 -43.16 21.76
CA LEU A 533 -8.29 -44.34 21.72
C LEU A 533 -8.09 -44.80 23.16
N ARG A 534 -7.87 -43.83 24.03
CA ARG A 534 -7.61 -44.06 25.45
C ARG A 534 -8.68 -44.91 26.12
N GLU A 535 -9.91 -44.81 25.62
CA GLU A 535 -11.03 -45.45 26.29
C GLU A 535 -11.40 -46.82 25.69
N LYS A 536 -10.84 -47.14 24.53
CA LYS A 536 -11.08 -48.43 23.89
C LYS A 536 -9.95 -49.42 24.13
N LEU A 537 -8.72 -48.97 23.85
CA LEU A 537 -7.56 -49.83 23.96
C LEU A 537 -7.30 -50.26 25.40
N ASN A 538 -6.81 -51.49 25.56
CA ASN A 538 -6.39 -51.97 26.87
C ASN A 538 -5.33 -51.06 27.46
N PRO A 539 -5.65 -50.41 28.61
CA PRO A 539 -4.71 -49.48 29.25
C PRO A 539 -3.30 -50.05 29.30
N GLU A 540 -3.20 -51.37 29.39
CA GLU A 540 -1.91 -52.04 29.40
C GLU A 540 -1.17 -51.85 28.08
N ILE A 541 -1.79 -52.30 26.99
CA ILE A 541 -1.22 -52.15 25.65
C ILE A 541 -0.76 -50.71 25.40
N LEU A 542 -1.64 -49.76 25.68
CA LEU A 542 -1.35 -48.33 25.49
C LEU A 542 0.03 -47.97 26.03
N LYS A 543 0.36 -48.48 27.20
CA LYS A 543 1.63 -48.17 27.83
C LYS A 543 2.80 -48.79 27.06
N ARG A 544 2.58 -49.96 26.46
CA ARG A 544 3.63 -50.66 25.74
C ARG A 544 3.91 -50.02 24.38
N ILE A 545 2.88 -49.92 23.55
CA ILE A 545 3.03 -49.48 22.17
C ILE A 545 3.34 -47.98 22.04
N GLU A 546 2.87 -47.18 22.98
CA GLU A 546 3.01 -45.73 22.89
C GLU A 546 4.43 -45.31 22.50
N LYS A 547 5.42 -46.05 22.99
CA LYS A 547 6.81 -45.78 22.66
C LYS A 547 6.95 -45.77 21.14
N GLU A 548 6.41 -46.80 20.51
CA GLU A 548 6.49 -46.94 19.06
C GLU A 548 5.52 -46.02 18.33
N LEU A 549 4.33 -45.83 18.89
CA LEU A 549 3.28 -45.04 18.23
C LEU A 549 3.70 -43.60 17.96
N ILE A 550 4.27 -42.93 18.95
CA ILE A 550 4.73 -41.56 18.77
C ILE A 550 5.90 -41.51 17.80
N GLU A 551 6.57 -42.65 17.63
CA GLU A 551 7.71 -42.74 16.74
C GLU A 551 7.30 -42.93 15.29
N LYS A 552 6.32 -43.80 15.06
CA LYS A 552 5.90 -44.15 13.70
C LYS A 552 4.62 -43.41 13.26
N GLY A 553 4.03 -42.66 14.19
CA GLY A 553 2.86 -41.85 13.89
C GLY A 553 1.69 -42.63 13.32
N SER A 554 1.60 -43.91 13.65
CA SER A 554 0.52 -44.76 13.17
C SER A 554 0.47 -46.07 13.95
N LEU A 555 -0.64 -46.80 13.82
CA LEU A 555 -0.84 -48.06 14.51
C LEU A 555 -0.64 -49.28 13.59
N LYS A 556 -0.59 -49.04 12.29
CA LYS A 556 -0.73 -50.14 11.31
C LYS A 556 0.44 -51.13 11.24
N ASP A 557 1.62 -50.71 11.68
CA ASP A 557 2.76 -51.62 11.71
C ASP A 557 3.26 -51.88 13.13
N ILE A 558 2.36 -51.72 14.10
CA ILE A 558 2.68 -52.03 15.49
C ILE A 558 2.08 -53.38 15.89
N PRO A 559 2.95 -54.32 16.28
CA PRO A 559 2.57 -55.71 16.56
C PRO A 559 1.67 -55.88 17.79
N ASP A 560 0.72 -56.81 17.70
CA ASP A 560 -0.16 -57.16 18.81
C ASP A 560 -1.15 -56.07 19.19
N VAL A 561 -1.53 -55.27 18.19
CA VAL A 561 -2.64 -54.35 18.34
C VAL A 561 -3.81 -54.93 17.56
N PRO A 562 -4.95 -55.12 18.24
CA PRO A 562 -6.13 -55.70 17.59
C PRO A 562 -6.32 -55.13 16.19
N GLU A 563 -6.66 -55.99 15.24
CA GLU A 563 -6.86 -55.55 13.87
C GLU A 563 -7.87 -54.40 13.82
N LYS A 564 -9.05 -54.62 14.36
CA LYS A 564 -10.12 -53.63 14.24
C LYS A 564 -9.86 -52.33 15.01
N ILE A 565 -8.75 -52.27 15.74
CA ILE A 565 -8.34 -51.02 16.36
C ILE A 565 -7.39 -50.29 15.41
N LYS A 566 -6.49 -51.04 14.76
CA LYS A 566 -5.65 -50.48 13.70
C LYS A 566 -6.52 -49.92 12.59
N LYS A 567 -7.60 -50.64 12.27
CA LYS A 567 -8.49 -50.25 11.18
C LYS A 567 -9.33 -49.04 11.54
N VAL A 568 -9.85 -49.00 12.76
CA VAL A 568 -10.67 -47.88 13.20
C VAL A 568 -9.83 -46.62 13.43
N PHE A 569 -8.80 -46.74 14.26
CA PHE A 569 -7.99 -45.59 14.65
C PHE A 569 -6.93 -45.23 13.62
N VAL A 570 -7.39 -44.97 12.40
CA VAL A 570 -6.55 -44.48 11.31
C VAL A 570 -6.27 -42.98 11.47
N VAL A 571 -5.06 -42.57 11.11
CA VAL A 571 -4.73 -41.15 11.03
C VAL A 571 -4.58 -40.70 9.56
N ALA A 572 -4.43 -39.40 9.35
CA ALA A 572 -4.38 -38.81 8.01
C ALA A 572 -3.58 -39.64 7.00
N LEU A 573 -2.33 -39.91 7.34
CA LEU A 573 -1.42 -40.61 6.44
C LEU A 573 -1.67 -42.11 6.23
N ASP A 574 -2.61 -42.70 6.99
CA ASP A 574 -3.03 -44.09 6.78
C ASP A 574 -4.05 -44.12 5.65
N ILE A 575 -4.67 -42.96 5.46
CA ILE A 575 -5.74 -42.77 4.49
C ILE A 575 -5.16 -42.27 3.18
N ASP A 576 -5.35 -43.04 2.12
CA ASP A 576 -4.69 -42.70 0.86
C ASP A 576 -5.41 -41.57 0.14
N PRO A 577 -4.68 -40.88 -0.76
CA PRO A 577 -5.21 -39.69 -1.43
C PRO A 577 -6.66 -39.80 -1.91
N MET A 578 -7.00 -40.86 -2.64
CA MET A 578 -8.39 -41.00 -3.12
C MET A 578 -9.42 -41.03 -1.99
N ASP A 579 -9.07 -41.67 -0.88
CA ASP A 579 -9.98 -41.77 0.26
C ASP A 579 -10.21 -40.40 0.93
N HIS A 580 -9.19 -39.55 0.91
CA HIS A 580 -9.38 -38.18 1.35
C HIS A 580 -10.32 -37.44 0.41
N LEU A 581 -10.06 -37.55 -0.89
CA LEU A 581 -10.86 -36.86 -1.91
C LEU A 581 -12.35 -37.21 -1.83
N LEU A 582 -12.64 -38.50 -1.78
CA LEU A 582 -14.02 -38.97 -1.76
C LEU A 582 -14.75 -38.57 -0.48
N MET A 583 -14.05 -38.53 0.65
CA MET A 583 -14.69 -37.94 1.84
C MET A 583 -15.07 -36.47 1.61
N GLN A 584 -14.21 -35.73 0.91
CA GLN A 584 -14.50 -34.32 0.56
C GLN A 584 -15.71 -34.31 -0.35
N ASP A 585 -15.69 -35.15 -1.39
CA ASP A 585 -16.88 -35.26 -2.24
C ASP A 585 -18.16 -35.48 -1.43
N ALA A 586 -18.10 -36.38 -0.45
CA ALA A 586 -19.31 -36.81 0.27
C ALA A 586 -19.93 -35.64 0.98
N PHE A 587 -19.10 -34.92 1.73
CA PHE A 587 -19.55 -33.72 2.43
C PHE A 587 -20.01 -32.64 1.45
N GLN A 588 -19.23 -32.41 0.40
CA GLN A 588 -19.54 -31.29 -0.52
C GLN A 588 -20.91 -31.43 -1.14
N ARG A 589 -21.36 -32.67 -1.33
CA ARG A 589 -22.68 -32.89 -1.91
C ARG A 589 -23.77 -32.25 -1.08
N TYR A 590 -23.52 -32.01 0.21
CA TYR A 590 -24.54 -31.37 1.06
C TYR A 590 -24.08 -30.06 1.71
N VAL A 591 -23.08 -29.44 1.10
CA VAL A 591 -22.64 -28.13 1.53
C VAL A 591 -22.74 -27.13 0.38
N ASP A 592 -23.48 -26.04 0.59
CA ASP A 592 -23.72 -25.02 -0.44
C ASP A 592 -22.59 -24.00 -0.58
N ASN A 593 -21.74 -23.89 0.44
CA ASN A 593 -20.46 -23.23 0.28
C ASN A 593 -19.41 -24.27 -0.07
N ASN A 594 -18.15 -24.03 0.26
CA ASN A 594 -17.08 -24.99 -0.08
C ASN A 594 -16.60 -25.74 1.16
N ILE A 595 -15.53 -26.52 1.04
CA ILE A 595 -15.01 -27.25 2.16
C ILE A 595 -13.51 -27.14 2.22
N SER A 596 -12.96 -27.05 3.45
CA SER A 596 -11.51 -27.09 3.64
C SER A 596 -11.07 -28.52 3.80
N LYS A 597 -10.26 -28.99 2.88
CA LYS A 597 -9.85 -30.38 2.88
C LYS A 597 -8.46 -30.45 2.32
N THR A 598 -7.51 -30.87 3.15
CA THR A 598 -6.19 -31.19 2.64
C THR A 598 -6.16 -32.62 2.14
N ILE A 599 -5.81 -32.81 0.88
CA ILE A 599 -5.57 -34.15 0.37
C ILE A 599 -4.14 -34.53 0.70
N ASN A 600 -3.94 -35.18 1.85
CA ASN A 600 -2.61 -35.61 2.28
C ASN A 600 -2.08 -36.69 1.35
N MET A 601 -0.77 -36.74 1.15
CA MET A 601 -0.22 -37.71 0.23
C MET A 601 1.10 -38.26 0.73
N PRO A 602 1.30 -39.58 0.55
CA PRO A 602 2.52 -40.23 1.04
C PRO A 602 3.76 -39.57 0.45
N GLN A 603 4.85 -39.57 1.19
CA GLN A 603 6.08 -38.93 0.73
C GLN A 603 6.56 -39.57 -0.56
N SER A 604 6.10 -40.79 -0.80
CA SER A 604 6.53 -41.57 -1.96
C SER A 604 5.65 -41.27 -3.17
N ALA A 605 4.66 -40.40 -3.00
CA ALA A 605 3.83 -40.04 -4.13
C ALA A 605 4.67 -39.34 -5.21
N THR A 606 4.28 -39.53 -6.46
CA THR A 606 4.94 -38.91 -7.58
C THR A 606 4.05 -37.80 -8.08
N VAL A 607 4.59 -36.97 -8.96
CA VAL A 607 3.83 -35.89 -9.59
C VAL A 607 2.62 -36.44 -10.35
N ASP A 608 2.81 -37.58 -11.00
CA ASP A 608 1.70 -38.29 -11.65
C ASP A 608 0.58 -38.63 -10.65
N ASP A 609 0.95 -39.06 -9.46
CA ASP A 609 -0.05 -39.35 -8.43
C ASP A 609 -0.85 -38.09 -8.16
N VAL A 610 -0.17 -36.94 -8.14
CA VAL A 610 -0.85 -35.66 -7.93
C VAL A 610 -1.80 -35.33 -9.09
N LEU A 611 -1.31 -35.48 -10.32
CA LEU A 611 -2.18 -35.31 -11.49
C LEU A 611 -3.43 -36.18 -11.38
N ASN A 612 -3.25 -37.45 -11.02
CA ASN A 612 -4.43 -38.33 -10.92
C ASN A 612 -5.45 -37.82 -9.92
N VAL A 613 -4.98 -37.21 -8.83
CA VAL A 613 -5.90 -36.57 -7.87
C VAL A 613 -6.65 -35.43 -8.53
N TYR A 614 -5.95 -34.64 -9.33
CA TYR A 614 -6.58 -33.53 -10.04
C TYR A 614 -7.62 -34.07 -11.03
N LEU A 615 -7.25 -35.09 -11.79
CA LEU A 615 -8.16 -35.65 -12.78
C LEU A 615 -9.40 -36.23 -12.10
N GLU A 616 -9.19 -37.02 -11.05
CA GLU A 616 -10.31 -37.52 -10.26
C GLU A 616 -11.18 -36.39 -9.72
N ALA A 617 -10.52 -35.37 -9.17
CA ALA A 617 -11.25 -34.23 -8.60
C ALA A 617 -12.18 -33.61 -9.61
N LEU A 618 -11.74 -33.56 -10.87
CA LEU A 618 -12.57 -32.99 -11.93
C LEU A 618 -13.81 -33.84 -12.14
N ARG A 619 -13.74 -35.13 -11.81
CA ARG A 619 -14.89 -36.02 -11.97
C ARG A 619 -15.87 -36.00 -10.79
N THR A 620 -15.39 -35.67 -9.59
CA THR A 620 -16.26 -35.60 -8.40
C THR A 620 -16.95 -34.24 -8.31
N ASN A 621 -17.58 -33.98 -7.16
CA ASN A 621 -18.29 -32.73 -6.93
C ASN A 621 -17.52 -31.70 -6.08
N VAL A 622 -16.24 -31.95 -5.87
CA VAL A 622 -15.44 -31.05 -5.04
C VAL A 622 -15.35 -29.72 -5.77
N ARG A 623 -15.24 -28.63 -5.01
CA ARG A 623 -15.19 -27.29 -5.61
C ARG A 623 -13.80 -26.66 -5.50
N GLY A 624 -12.86 -27.40 -4.93
CA GLY A 624 -11.51 -26.93 -4.83
C GLY A 624 -10.62 -28.08 -4.46
N ILE A 625 -9.33 -27.93 -4.73
CA ILE A 625 -8.39 -28.96 -4.37
C ILE A 625 -7.16 -28.35 -3.72
N THR A 626 -6.75 -28.95 -2.61
CA THR A 626 -5.52 -28.62 -1.93
C THR A 626 -4.80 -29.94 -1.67
N VAL A 627 -3.55 -30.05 -2.07
CA VAL A 627 -2.80 -31.23 -1.71
C VAL A 627 -1.56 -30.87 -0.89
N TYR A 628 -1.12 -31.80 -0.04
CA TYR A 628 0.19 -31.68 0.57
C TYR A 628 0.87 -33.04 0.63
N ARG A 629 2.01 -33.16 -0.03
CA ARG A 629 2.77 -34.39 0.04
C ARG A 629 3.62 -34.41 1.31
N ASP A 630 3.44 -35.45 2.12
CA ASP A 630 4.15 -35.63 3.37
C ASP A 630 5.65 -35.44 3.20
N GLY A 631 6.26 -34.65 4.08
CA GLY A 631 7.69 -34.44 4.05
C GLY A 631 8.19 -33.91 2.71
N SER A 632 7.57 -32.85 2.23
CA SER A 632 8.00 -32.21 1.00
C SER A 632 8.61 -30.82 1.29
N LEU A 633 8.16 -30.22 2.38
CA LEU A 633 8.71 -28.94 2.83
C LEU A 633 9.78 -29.12 3.91
N MET B 1 21.24 45.27 -21.74
CA MET B 1 20.61 44.99 -23.04
C MET B 1 19.18 44.50 -22.82
N LYS B 2 18.24 44.92 -23.68
CA LYS B 2 16.86 44.51 -23.47
C LYS B 2 16.78 42.98 -23.54
N LEU B 3 15.84 42.39 -22.82
CA LEU B 3 15.67 40.95 -22.88
C LEU B 3 15.45 40.54 -24.33
N SER B 4 14.62 41.31 -25.05
CA SER B 4 14.31 40.95 -26.43
C SER B 4 15.58 40.76 -27.27
N ASP B 5 16.63 41.55 -26.98
CA ASP B 5 17.87 41.39 -27.73
C ASP B 5 18.75 40.24 -27.21
N LEU B 6 18.71 39.96 -25.92
CA LEU B 6 19.36 38.77 -25.44
C LEU B 6 18.72 37.55 -26.12
N ILE B 7 17.40 37.58 -26.24
CA ILE B 7 16.69 36.48 -26.89
C ILE B 7 17.23 36.19 -28.30
N SER B 8 17.46 37.23 -29.09
CA SER B 8 17.98 37.07 -30.46
C SER B 8 19.36 36.43 -30.48
N ARG B 9 20.19 36.75 -29.49
CA ARG B 9 21.51 36.15 -29.39
C ARG B 9 21.46 34.62 -29.18
N TRP B 10 20.40 34.14 -28.53
CA TRP B 10 20.34 32.72 -28.14
C TRP B 10 19.30 31.88 -28.87
N ILE B 11 18.25 32.52 -29.38
CA ILE B 11 17.10 31.78 -29.87
C ILE B 11 17.40 30.77 -30.99
N ASP B 12 18.41 31.04 -31.82
CA ASP B 12 18.73 30.12 -32.91
C ASP B 12 19.99 29.31 -32.65
N VAL B 13 20.47 29.34 -31.42
CA VAL B 13 21.55 28.46 -31.03
C VAL B 13 20.94 27.09 -30.74
N GLU B 14 21.28 26.12 -31.57
CA GLU B 14 20.70 24.78 -31.54
C GLU B 14 21.20 23.99 -30.32
N PRO B 15 20.31 23.25 -29.65
CA PRO B 15 20.77 22.37 -28.57
C PRO B 15 21.88 21.48 -29.10
N SER B 16 22.86 21.16 -28.25
CA SER B 16 23.95 20.26 -28.61
C SER B 16 23.42 18.88 -29.03
N LYS B 17 24.27 18.10 -29.68
CA LYS B 17 23.92 16.73 -30.03
C LYS B 17 23.47 15.98 -28.79
N ASN B 18 24.13 16.25 -27.68
CA ASN B 18 23.79 15.61 -26.42
C ASN B 18 22.39 15.95 -25.92
N ALA B 19 22.07 17.24 -25.91
CA ALA B 19 20.75 17.71 -25.48
C ALA B 19 19.61 17.13 -26.35
N GLN B 20 19.85 17.05 -27.65
CA GLN B 20 18.85 16.54 -28.58
C GLN B 20 18.54 15.05 -28.36
N ILE B 21 19.55 14.30 -27.94
CA ILE B 21 19.37 12.90 -27.60
C ILE B 21 18.41 12.78 -26.43
N ILE B 22 18.67 13.56 -25.39
CA ILE B 22 17.81 13.59 -24.22
C ILE B 22 16.38 13.98 -24.59
N LEU B 23 16.26 15.01 -25.42
CA LEU B 23 14.96 15.50 -25.86
C LEU B 23 14.20 14.42 -26.65
N ARG B 24 14.90 13.70 -27.52
CA ARG B 24 14.28 12.63 -28.28
C ARG B 24 13.84 11.51 -27.35
N ASP B 25 14.77 11.07 -26.51
CA ASP B 25 14.50 10.04 -25.50
C ASP B 25 13.21 10.24 -24.71
N ARG B 26 13.05 11.42 -24.11
CA ARG B 26 12.05 11.59 -23.06
C ARG B 26 11.09 12.77 -23.21
N TYR B 27 11.45 13.79 -23.99
CA TYR B 27 10.66 15.02 -23.99
C TYR B 27 9.79 15.26 -25.23
N PHE B 28 10.27 14.86 -26.40
CA PHE B 28 9.46 15.01 -27.59
C PHE B 28 8.21 14.13 -27.44
N MET B 29 7.03 14.74 -27.52
CA MET B 29 5.77 14.03 -27.32
C MET B 29 5.55 12.98 -28.42
N LYS B 30 4.95 11.85 -28.04
CA LYS B 30 4.59 10.82 -29.01
C LYS B 30 3.11 10.48 -28.95
N ASP B 31 2.55 10.00 -30.07
CA ASP B 31 1.18 9.50 -30.07
C ASP B 31 1.14 8.10 -29.46
N LEU B 32 -0.06 7.57 -29.27
CA LEU B 32 -0.23 6.22 -28.72
C LEU B 32 0.62 5.18 -29.45
N ASP B 33 0.87 5.41 -30.73
CA ASP B 33 1.58 4.45 -31.58
C ASP B 33 3.10 4.60 -31.61
N GLY B 34 3.64 5.37 -30.67
CA GLY B 34 5.09 5.54 -30.57
C GLY B 34 5.69 6.45 -31.64
N ASN B 35 4.83 7.11 -32.41
CA ASN B 35 5.31 8.06 -33.41
C ASN B 35 5.54 9.44 -32.81
N TYR B 36 6.57 10.12 -33.30
CA TYR B 36 6.92 11.46 -32.83
C TYR B 36 5.98 12.56 -33.33
N LEU B 37 5.36 13.28 -32.40
CA LEU B 37 4.56 14.45 -32.74
C LEU B 37 5.44 15.69 -32.71
N GLU B 38 6.61 15.58 -32.07
CA GLU B 38 7.57 16.68 -31.93
C GLU B 38 8.93 16.15 -32.35
N THR B 39 9.70 16.96 -33.07
CA THR B 39 11.01 16.53 -33.54
C THR B 39 12.12 17.52 -33.18
N LYS B 40 11.75 18.70 -32.68
CA LYS B 40 12.73 19.74 -32.35
C LYS B 40 12.38 20.47 -31.06
N TRP B 41 13.38 21.02 -30.36
CA TRP B 41 13.11 21.77 -29.12
C TRP B 41 12.08 22.88 -29.34
N GLU B 42 12.15 23.53 -30.50
CA GLU B 42 11.14 24.49 -30.92
C GLU B 42 9.68 24.02 -30.73
N ASP B 43 9.42 22.74 -31.00
CA ASP B 43 8.05 22.21 -30.88
C ASP B 43 7.64 22.13 -29.41
N VAL B 44 8.56 21.70 -28.57
CA VAL B 44 8.33 21.67 -27.13
C VAL B 44 8.02 23.08 -26.65
N ALA B 45 8.80 24.05 -27.10
CA ALA B 45 8.63 25.41 -26.63
C ALA B 45 7.27 25.96 -27.04
N ARG B 46 6.87 25.73 -28.29
CA ARG B 46 5.55 26.15 -28.77
C ARG B 46 4.46 25.54 -27.90
N ARG B 47 4.47 24.22 -27.76
CA ARG B 47 3.47 23.51 -26.95
C ARG B 47 3.36 24.06 -25.53
N VAL B 48 4.48 24.12 -24.83
CA VAL B 48 4.47 24.53 -23.43
C VAL B 48 4.02 25.98 -23.30
N ALA B 49 4.60 26.85 -24.11
CA ALA B 49 4.28 28.27 -24.03
C ALA B 49 2.79 28.47 -24.23
N ARG B 50 2.23 27.74 -25.19
CA ARG B 50 0.83 27.87 -25.52
C ARG B 50 -0.04 27.43 -24.37
N VAL B 51 0.24 26.24 -23.84
CA VAL B 51 -0.53 25.70 -22.71
C VAL B 51 -0.42 26.65 -21.50
N VAL B 52 0.78 27.13 -21.21
CA VAL B 52 0.92 28.00 -20.04
C VAL B 52 0.29 29.38 -20.27
N ALA B 53 0.37 29.91 -21.50
CA ALA B 53 -0.30 31.17 -21.83
C ALA B 53 -1.81 31.06 -21.63
N THR B 54 -2.34 29.85 -21.81
CA THR B 54 -3.78 29.64 -21.72
C THR B 54 -4.38 30.06 -20.35
N ALA B 55 -3.54 30.03 -19.31
CA ALA B 55 -3.93 30.52 -17.99
C ALA B 55 -4.47 31.95 -18.01
N GLU B 56 -4.04 32.75 -18.98
CA GLU B 56 -4.48 34.14 -19.03
C GLU B 56 -5.98 34.26 -19.30
N LEU B 57 -6.62 33.17 -19.74
CA LEU B 57 -8.07 33.16 -19.84
C LEU B 57 -8.70 33.57 -18.52
N LEU B 58 -8.12 33.09 -17.43
CA LEU B 58 -8.67 33.30 -16.09
C LEU B 58 -8.33 34.68 -15.50
N ASN B 59 -7.65 35.51 -16.27
CA ASN B 59 -7.17 36.81 -15.78
C ASN B 59 -8.28 37.86 -15.67
N PRO B 60 -8.64 38.25 -14.44
CA PRO B 60 -9.77 39.14 -14.16
C PRO B 60 -9.58 40.59 -14.59
N SER B 61 -8.37 40.95 -15.02
CA SER B 61 -8.10 42.32 -15.42
C SER B 61 -8.19 42.49 -16.94
N TYR B 62 -8.25 41.37 -17.65
CA TYR B 62 -8.45 41.41 -19.09
C TYR B 62 -9.94 41.45 -19.40
N LYS B 63 -10.31 42.23 -20.41
CA LYS B 63 -11.69 42.26 -20.86
C LYS B 63 -11.90 41.17 -21.91
N LYS B 64 -13.12 40.69 -22.04
CA LYS B 64 -13.44 39.62 -22.98
C LYS B 64 -12.98 39.98 -24.39
N ASN B 65 -12.86 41.28 -24.67
CA ASN B 65 -12.50 41.75 -26.00
C ASN B 65 -11.00 42.00 -26.20
N GLU B 66 -10.20 41.67 -25.19
CA GLU B 66 -8.76 41.85 -25.31
C GLU B 66 -7.99 40.55 -25.04
N LYS B 67 -8.64 39.60 -24.39
CA LYS B 67 -8.01 38.36 -23.96
C LYS B 67 -7.19 37.66 -25.05
N LEU B 68 -7.70 37.64 -26.28
CA LEU B 68 -7.02 36.95 -27.36
C LEU B 68 -5.64 37.56 -27.65
N ASP B 69 -5.56 38.89 -27.65
CA ASP B 69 -4.32 39.58 -27.93
C ASP B 69 -3.33 39.46 -26.77
N ARG B 70 -3.83 39.54 -25.54
CA ARG B 70 -2.99 39.40 -24.35
C ARG B 70 -2.41 37.98 -24.23
N ILE B 71 -3.24 36.98 -24.51
CA ILE B 71 -2.83 35.57 -24.45
C ILE B 71 -1.76 35.27 -25.48
N LYS B 72 -1.99 35.76 -26.71
CA LYS B 72 -1.02 35.60 -27.79
C LYS B 72 0.32 36.27 -27.45
N GLU B 73 0.28 37.43 -26.83
CA GLU B 73 1.51 38.13 -26.44
C GLU B 73 2.29 37.34 -25.37
N TRP B 74 1.56 36.71 -24.45
CA TRP B 74 2.21 35.90 -23.44
C TRP B 74 2.78 34.61 -24.05
N GLU B 75 2.00 33.97 -24.92
CA GLU B 75 2.52 32.77 -25.56
C GLU B 75 3.80 33.12 -26.30
N ASP B 76 3.73 34.23 -27.06
CA ASP B 76 4.87 34.77 -27.78
C ASP B 76 6.12 34.94 -26.91
N ILE B 77 6.02 35.75 -25.86
CA ILE B 77 7.16 35.91 -24.92
C ILE B 77 7.59 34.59 -24.25
N PHE B 78 6.63 33.78 -23.77
CA PHE B 78 6.97 32.48 -23.21
C PHE B 78 7.72 31.67 -24.24
N PHE B 79 7.15 31.59 -25.44
CA PHE B 79 7.79 30.83 -26.49
C PHE B 79 9.26 31.21 -26.74
N ARG B 80 9.53 32.49 -26.88
CA ARG B 80 10.88 32.93 -27.26
C ARG B 80 11.91 32.73 -26.15
N VAL B 81 11.49 33.02 -24.92
CA VAL B 81 12.30 32.70 -23.75
C VAL B 81 12.63 31.20 -23.66
N LEU B 82 11.63 30.35 -23.94
CA LEU B 82 11.82 28.91 -23.86
C LEU B 82 12.74 28.45 -24.96
N LYS B 83 12.42 28.85 -26.20
CA LYS B 83 13.18 28.35 -27.33
C LYS B 83 14.64 28.72 -27.16
N ALA B 84 14.87 29.97 -26.75
CA ALA B 84 16.22 30.46 -26.50
C ALA B 84 16.89 29.75 -25.32
N ARG B 85 16.11 29.06 -24.49
CA ARG B 85 16.64 28.30 -23.34
C ARG B 85 17.26 29.22 -22.30
N LEU B 86 16.62 30.37 -22.11
CA LEU B 86 17.00 31.31 -21.09
C LEU B 86 16.35 30.95 -19.76
N PHE B 87 15.18 30.31 -19.84
CA PHE B 87 14.45 29.78 -18.70
C PHE B 87 13.74 28.49 -19.15
N ILE B 88 13.79 27.48 -18.30
CA ILE B 88 13.15 26.20 -18.60
C ILE B 88 12.48 25.71 -17.33
N PRO B 89 11.20 25.35 -17.45
CA PRO B 89 10.40 24.84 -16.31
C PRO B 89 10.83 23.42 -15.94
N ASN B 90 10.44 22.95 -14.75
CA ASN B 90 10.76 21.58 -14.37
C ASN B 90 10.20 20.52 -15.37
N SER B 91 10.94 19.44 -15.55
CA SER B 91 10.57 18.35 -16.46
C SER B 91 9.08 18.00 -16.58
N PRO B 92 8.36 17.85 -15.45
CA PRO B 92 6.96 17.43 -15.67
C PRO B 92 6.19 18.42 -16.56
N THR B 93 6.59 19.69 -16.56
CA THR B 93 5.93 20.70 -17.39
C THR B 93 6.22 20.42 -18.85
N LEU B 94 7.47 20.12 -19.16
CA LEU B 94 7.87 19.78 -20.50
C LEU B 94 7.18 18.48 -20.95
N PHE B 95 7.04 17.55 -20.03
CA PHE B 95 6.47 16.23 -20.33
C PHE B 95 4.98 16.29 -20.62
N ASN B 96 4.23 16.97 -19.76
CA ASN B 96 2.79 16.79 -19.69
C ASN B 96 1.93 17.95 -20.15
N ALA B 97 2.55 19.10 -20.44
CA ALA B 97 1.78 20.21 -20.99
C ALA B 97 1.13 19.76 -22.31
N GLY B 98 -0.18 19.92 -22.41
CA GLY B 98 -0.84 19.58 -23.65
C GLY B 98 -1.54 18.22 -23.62
N LEU B 99 -1.26 17.41 -22.60
CA LEU B 99 -1.92 16.10 -22.49
C LEU B 99 -3.45 16.24 -22.43
N GLY B 100 -4.13 15.62 -23.38
CA GLY B 100 -5.57 15.75 -23.50
C GLY B 100 -6.03 16.61 -24.68
N VAL B 101 -5.12 17.41 -25.21
CA VAL B 101 -5.49 18.43 -26.20
C VAL B 101 -5.33 17.90 -27.62
N LYS B 102 -6.29 18.21 -28.49
CA LYS B 102 -6.17 17.85 -29.89
C LYS B 102 -4.82 18.30 -30.44
N HIS B 103 -4.16 17.40 -31.17
CA HIS B 103 -2.84 17.66 -31.72
C HIS B 103 -2.77 18.79 -32.74
N ASP B 104 -3.91 19.14 -33.36
CA ASP B 104 -3.90 20.24 -34.31
C ASP B 104 -4.12 21.59 -33.61
N LEU B 105 -4.03 21.59 -32.29
CA LEU B 105 -4.13 22.83 -31.52
C LEU B 105 -2.83 23.19 -30.82
N LEU B 106 -2.01 22.20 -30.51
CA LEU B 106 -0.83 22.42 -29.68
C LEU B 106 0.34 23.07 -30.42
N TRP B 107 0.37 22.92 -31.75
CA TRP B 107 1.50 23.44 -32.53
C TRP B 107 1.05 24.35 -33.65
N LYS B 108 -0.22 24.74 -33.62
CA LYS B 108 -0.81 25.64 -34.60
C LYS B 108 -0.09 26.99 -34.54
N PRO B 109 0.11 27.67 -35.68
CA PRO B 109 0.82 28.95 -35.58
C PRO B 109 0.03 29.93 -34.73
N ILE B 110 0.71 30.71 -33.92
CA ILE B 110 0.06 31.64 -33.00
C ILE B 110 -0.84 32.68 -33.68
N ASP B 111 -0.50 33.10 -34.89
CA ASP B 111 -1.32 34.11 -35.57
C ASP B 111 -2.69 33.57 -35.97
N GLN B 112 -2.80 32.24 -36.09
CA GLN B 112 -4.06 31.61 -36.44
C GLN B 112 -4.93 31.26 -35.22
N MET B 113 -4.40 31.47 -34.03
CA MET B 113 -5.12 31.09 -32.82
C MET B 113 -6.34 31.99 -32.56
N THR B 114 -7.45 31.37 -32.19
CA THR B 114 -8.65 32.11 -31.80
C THR B 114 -8.85 32.02 -30.29
N LEU B 115 -9.77 32.80 -29.76
CA LEU B 115 -10.11 32.75 -28.35
C LEU B 115 -10.73 31.40 -28.00
N GLU B 116 -11.43 30.82 -28.97
CA GLU B 116 -12.02 29.50 -28.81
C GLU B 116 -10.98 28.38 -28.87
N ASP B 117 -9.94 28.55 -29.67
CA ASP B 117 -8.83 27.60 -29.65
C ASP B 117 -8.25 27.50 -28.23
N TYR B 118 -8.03 28.64 -27.60
CA TYR B 118 -7.43 28.67 -26.27
C TYR B 118 -8.35 28.07 -25.22
N GLU B 119 -9.63 28.41 -25.28
CA GLU B 119 -10.60 27.80 -24.38
C GLU B 119 -10.70 26.29 -24.58
N GLU B 120 -10.52 25.82 -25.80
CA GLU B 120 -10.56 24.39 -26.03
C GLU B 120 -9.36 23.71 -25.39
N ILE B 121 -8.18 24.30 -25.57
CA ILE B 121 -6.97 23.83 -24.91
C ILE B 121 -7.20 23.71 -23.41
N TYR B 122 -7.71 24.79 -22.82
CA TYR B 122 -7.97 24.85 -21.40
C TYR B 122 -8.91 23.74 -20.91
N ARG B 123 -9.95 23.43 -21.69
CA ARG B 123 -10.96 22.45 -21.29
C ARG B 123 -10.55 21.00 -21.50
N SER B 124 -9.55 20.77 -22.34
CA SER B 124 -9.22 19.40 -22.74
C SER B 124 -8.04 18.85 -21.96
N ARG B 125 -7.51 19.63 -21.02
CA ARG B 125 -6.46 19.14 -20.14
C ARG B 125 -6.97 17.90 -19.41
N ASN B 126 -6.28 16.79 -19.59
CA ASN B 126 -6.73 15.54 -18.97
C ASN B 126 -6.10 15.28 -17.59
N HIS B 127 -6.52 14.20 -16.94
CA HIS B 127 -6.13 13.90 -15.57
C HIS B 127 -4.62 13.65 -15.44
N LEU B 128 -3.94 13.46 -16.55
CA LEU B 128 -2.50 13.29 -16.53
C LEU B 128 -1.73 14.62 -16.69
N HIS B 129 -2.44 15.75 -16.64
CA HIS B 129 -1.86 17.04 -17.02
C HIS B 129 -1.19 17.70 -15.80
N MET B 130 -0.19 17.00 -15.28
CA MET B 130 0.39 17.32 -14.00
C MET B 130 1.77 17.93 -14.22
N LEU B 131 1.95 19.16 -13.79
CA LEU B 131 3.06 19.93 -14.31
C LEU B 131 4.06 20.30 -13.25
N SER B 132 3.89 19.72 -12.06
CA SER B 132 4.71 20.11 -10.89
C SER B 132 5.65 19.02 -10.47
N ALA B 133 6.85 19.38 -10.04
CA ALA B 133 7.81 18.37 -9.61
C ALA B 133 7.61 17.82 -8.17
N CYS B 134 7.16 18.67 -7.25
CA CYS B 134 7.42 18.45 -5.83
C CYS B 134 6.15 18.32 -5.03
N PHE B 135 6.06 17.24 -4.24
CA PHE B 135 4.90 16.94 -3.40
C PHE B 135 5.33 16.48 -2.00
N VAL B 136 4.55 16.84 -1.00
CA VAL B 136 4.68 16.22 0.31
C VAL B 136 3.31 15.77 0.79
N VAL B 137 3.21 14.55 1.28
CA VAL B 137 1.98 14.13 1.93
C VAL B 137 2.23 13.66 3.37
N PRO B 138 1.24 13.82 4.25
CA PRO B 138 1.38 13.28 5.60
C PRO B 138 1.23 11.75 5.65
N VAL B 139 1.77 11.14 6.70
CA VAL B 139 1.55 9.74 6.99
C VAL B 139 1.18 9.63 8.47
N GLY B 140 -0.12 9.71 8.75
CA GLY B 140 -0.64 9.65 10.10
C GLY B 140 -0.44 8.31 10.81
N ASP B 141 -0.60 8.32 12.13
CA ASP B 141 -0.29 7.16 12.96
C ASP B 141 -1.47 6.20 13.08
N SER B 142 -1.97 5.75 11.94
CA SER B 142 -3.05 4.74 11.91
C SER B 142 -2.91 3.94 10.62
N ILE B 143 -3.37 2.69 10.63
CA ILE B 143 -3.32 1.84 9.45
C ILE B 143 -4.07 2.49 8.31
N GLU B 144 -5.17 3.13 8.65
CA GLU B 144 -5.98 3.85 7.67
C GLU B 144 -5.15 4.90 6.95
N GLU B 145 -4.49 5.74 7.72
CA GLU B 145 -3.72 6.85 7.16
C GLU B 145 -2.51 6.36 6.38
N ILE B 146 -1.79 5.41 6.96
CA ILE B 146 -0.61 4.83 6.30
C ILE B 146 -0.89 4.35 4.90
N PHE B 147 -1.92 3.51 4.74
CA PHE B 147 -2.18 2.94 3.42
C PHE B 147 -2.92 3.92 2.49
N GLU B 148 -3.57 4.91 3.06
CA GLU B 148 -4.08 5.99 2.27
C GLU B 148 -2.86 6.77 1.70
N ALA B 149 -1.81 6.92 2.50
CA ALA B 149 -0.60 7.60 2.02
C ALA B 149 0.14 6.76 0.97
N VAL B 150 0.14 5.43 1.15
CA VAL B 150 0.75 4.55 0.16
C VAL B 150 0.05 4.69 -1.18
N LYS B 151 -1.27 4.78 -1.13
CA LYS B 151 -2.09 4.94 -2.33
C LYS B 151 -1.71 6.25 -3.02
N GLU B 152 -1.54 7.30 -2.22
CA GLU B 152 -1.15 8.60 -2.73
C GLU B 152 0.24 8.58 -3.37
N TYR B 153 1.22 7.95 -2.71
CA TYR B 153 2.52 7.78 -3.34
C TYR B 153 2.33 7.20 -4.74
N ALA B 154 1.54 6.14 -4.85
CA ALA B 154 1.36 5.47 -6.14
C ALA B 154 0.76 6.39 -7.19
N LEU B 155 -0.30 7.11 -6.82
CA LEU B 155 -0.95 8.07 -7.71
C LEU B 155 -0.05 9.25 -8.13
N ILE B 156 0.63 9.86 -7.16
CA ILE B 156 1.54 10.98 -7.46
C ILE B 156 2.67 10.50 -8.38
N THR B 157 3.22 9.34 -8.08
CA THR B 157 4.35 8.81 -8.84
C THR B 157 3.94 8.43 -10.26
N LYS B 158 2.72 7.92 -10.41
CA LYS B 158 2.21 7.59 -11.73
C LYS B 158 2.25 8.80 -12.68
N VAL B 159 1.74 9.95 -12.20
CA VAL B 159 1.63 11.12 -13.05
C VAL B 159 2.92 11.95 -13.14
N GLY B 160 3.96 11.55 -12.44
CA GLY B 160 5.27 12.15 -12.65
C GLY B 160 5.81 12.98 -11.51
N GLY B 161 5.17 12.90 -10.35
CA GLY B 161 5.58 13.62 -9.18
C GLY B 161 6.61 12.90 -8.33
N GLY B 162 7.37 13.68 -7.57
CA GLY B 162 8.28 13.16 -6.57
C GLY B 162 7.72 13.51 -5.21
N VAL B 163 7.62 12.53 -4.33
CA VAL B 163 6.94 12.74 -3.06
C VAL B 163 7.84 12.47 -1.85
N GLY B 164 7.64 13.25 -0.79
CA GLY B 164 8.38 13.09 0.43
C GLY B 164 7.44 13.03 1.61
N SER B 165 7.85 12.37 2.68
CA SER B 165 7.06 12.37 3.90
C SER B 165 7.96 12.37 5.13
N ASN B 166 7.46 13.01 6.17
CA ASN B 166 8.04 12.83 7.49
C ASN B 166 7.23 11.72 8.14
N PHE B 167 7.95 10.69 8.60
CA PHE B 167 7.31 9.48 9.10
C PHE B 167 7.29 9.48 10.63
N SER B 168 7.58 10.63 11.22
CA SER B 168 7.71 10.69 12.67
C SER B 168 6.41 10.51 13.45
N GLU B 169 5.25 10.68 12.81
CA GLU B 169 3.97 10.44 13.47
C GLU B 169 3.81 8.95 13.84
N LEU B 170 4.46 8.08 13.08
CA LEU B 170 4.33 6.63 13.31
C LEU B 170 4.99 6.23 14.62
N ARG B 171 4.24 5.58 15.50
CA ARG B 171 4.75 5.28 16.81
C ARG B 171 5.89 4.27 16.70
N PRO B 172 6.85 4.34 17.64
CA PRO B 172 8.04 3.49 17.68
C PRO B 172 7.75 1.98 17.54
N LYS B 173 8.70 1.25 16.97
CA LYS B 173 8.58 -0.19 16.87
C LYS B 173 8.40 -0.78 18.27
N GLY B 174 7.41 -1.65 18.42
CA GLY B 174 7.16 -2.31 19.68
C GLY B 174 6.13 -1.58 20.52
N SER B 175 5.67 -0.42 20.08
CA SER B 175 4.72 0.35 20.87
C SER B 175 3.39 -0.37 20.99
N PHE B 176 2.65 -0.07 22.05
CA PHE B 176 1.34 -0.67 22.25
C PHE B 176 0.40 -0.23 21.12
N VAL B 177 -0.33 -1.20 20.59
CA VAL B 177 -1.39 -0.95 19.62
C VAL B 177 -2.72 -1.41 20.21
N ALA B 178 -3.61 -0.45 20.45
CA ALA B 178 -4.85 -0.69 21.18
C ALA B 178 -5.77 -1.76 20.58
N GLY B 179 -6.07 -1.62 19.30
CA GLY B 179 -7.05 -2.47 18.65
C GLY B 179 -6.73 -3.95 18.57
N THR B 180 -5.49 -4.32 18.87
CA THR B 180 -5.04 -5.70 18.69
C THR B 180 -4.18 -6.18 19.86
N HIS B 181 -4.01 -5.31 20.85
CA HIS B 181 -3.06 -5.54 21.94
C HIS B 181 -1.69 -5.97 21.40
N GLY B 182 -1.50 -5.78 20.09
CA GLY B 182 -0.28 -6.18 19.41
C GLY B 182 0.84 -5.19 19.62
N LYS B 183 1.84 -5.23 18.75
CA LYS B 183 2.93 -4.26 18.82
C LYS B 183 3.10 -3.56 17.49
N ALA B 184 3.32 -2.24 17.54
CA ALA B 184 3.54 -1.46 16.32
C ALA B 184 4.78 -1.93 15.59
N SER B 185 4.73 -1.92 14.26
CA SER B 185 5.88 -2.33 13.46
C SER B 185 6.96 -1.23 13.37
N GLY B 186 6.55 0.03 13.54
CA GLY B 186 7.49 1.15 13.50
C GLY B 186 7.66 1.82 12.14
N PRO B 187 8.07 3.11 12.14
CA PRO B 187 8.16 3.90 10.89
C PRO B 187 9.03 3.22 9.85
N VAL B 188 10.16 2.68 10.26
CA VAL B 188 11.10 2.10 9.32
C VAL B 188 10.47 0.92 8.56
N SER B 189 9.81 0.02 9.29
CA SER B 189 9.07 -1.08 8.65
C SER B 189 8.02 -0.63 7.65
N PHE B 190 7.18 0.32 8.04
CA PHE B 190 6.20 0.89 7.12
C PHE B 190 6.83 1.51 5.87
N MET B 191 8.00 2.12 6.02
CA MET B 191 8.66 2.73 4.85
C MET B 191 8.98 1.69 3.79
N HIS B 192 9.21 0.46 4.23
CA HIS B 192 9.42 -0.66 3.30
C HIS B 192 8.20 -0.88 2.40
N VAL B 193 7.01 -0.64 2.94
CA VAL B 193 5.79 -0.74 2.15
C VAL B 193 5.69 0.32 1.06
N PHE B 194 5.98 1.57 1.43
CA PHE B 194 6.03 2.67 0.44
C PHE B 194 7.06 2.37 -0.64
N ASN B 195 8.20 1.82 -0.23
CA ASN B 195 9.21 1.41 -1.20
C ASN B 195 8.70 0.33 -2.16
N SER B 196 8.12 -0.73 -1.60
CA SER B 196 7.49 -1.78 -2.41
C SER B 196 6.44 -1.22 -3.37
N ALA B 197 5.60 -0.30 -2.91
CA ALA B 197 4.61 0.35 -3.78
C ALA B 197 5.25 1.07 -4.99
N ILE B 198 6.37 1.74 -4.76
CA ILE B 198 6.99 2.50 -5.84
C ILE B 198 7.69 1.55 -6.81
N SER B 199 8.19 0.44 -6.28
CA SER B 199 8.85 -0.57 -7.12
C SER B 199 8.01 -1.11 -8.29
N VAL B 200 6.69 -0.96 -8.24
CA VAL B 200 5.85 -1.45 -9.35
C VAL B 200 5.19 -0.35 -10.16
N VAL B 201 5.52 0.89 -9.88
CA VAL B 201 5.00 1.99 -10.66
C VAL B 201 6.17 2.67 -11.36
N LYS B 202 6.23 2.56 -12.68
CA LYS B 202 7.35 3.10 -13.43
C LYS B 202 6.89 4.08 -14.50
N ALA B 210 13.75 8.72 -5.69
CA ALA B 210 12.46 9.22 -6.16
C ALA B 210 11.55 9.64 -5.01
N LEU B 211 11.86 9.20 -3.79
CA LEU B 211 11.05 9.53 -2.63
C LEU B 211 11.93 10.19 -1.58
N MET B 212 11.33 11.04 -0.75
CA MET B 212 12.04 11.51 0.42
C MET B 212 11.42 10.92 1.68
N GLY B 213 12.29 10.42 2.57
CA GLY B 213 11.85 9.90 3.85
C GLY B 213 12.58 10.55 5.01
N ILE B 214 11.82 11.21 5.88
CA ILE B 214 12.38 11.92 7.02
C ILE B 214 11.89 11.35 8.36
N LEU B 215 12.83 11.13 9.28
CA LEU B 215 12.46 10.82 10.66
C LEU B 215 13.15 11.83 11.56
N ASN B 216 12.43 12.38 12.53
CA ASN B 216 12.99 13.37 13.43
C ASN B 216 14.02 12.77 14.38
N ILE B 217 15.02 13.58 14.69
CA ILE B 217 16.17 13.23 15.53
C ILE B 217 15.78 12.71 16.89
N ASN B 218 14.62 13.16 17.39
CA ASN B 218 14.19 12.76 18.71
C ASN B 218 13.14 11.64 18.73
N HIS B 219 13.02 10.94 17.60
CA HIS B 219 12.12 9.78 17.54
C HIS B 219 12.83 8.57 18.12
N PRO B 220 12.11 7.76 18.93
CA PRO B 220 12.74 6.59 19.55
C PRO B 220 13.41 5.62 18.57
N ASP B 221 12.94 5.57 17.33
CA ASP B 221 13.60 4.70 16.34
C ASP B 221 14.64 5.40 15.46
N ILE B 222 15.12 6.56 15.88
CA ILE B 222 16.04 7.31 15.00
C ILE B 222 17.31 6.51 14.71
N GLU B 223 17.79 5.77 15.69
CA GLU B 223 19.04 5.04 15.51
C GLU B 223 18.87 3.98 14.43
N GLU B 224 17.69 3.37 14.40
CA GLU B 224 17.39 2.35 13.41
C GLU B 224 17.24 3.01 12.05
N PHE B 225 16.57 4.17 12.04
CA PHE B 225 16.35 4.95 10.80
C PHE B 225 17.68 5.29 10.14
N ILE B 226 18.60 5.85 10.93
CA ILE B 226 19.95 6.21 10.48
C ILE B 226 20.69 5.05 9.84
N ASP B 227 20.44 3.84 10.32
CA ASP B 227 21.11 2.65 9.81
C ASP B 227 20.29 1.92 8.74
N ALA B 228 19.15 2.50 8.34
CA ALA B 228 18.19 1.81 7.47
C ALA B 228 18.75 1.26 6.15
N LYS B 229 19.84 1.84 5.67
CA LYS B 229 20.45 1.39 4.42
C LYS B 229 21.95 1.16 4.63
N LYS B 230 22.30 0.01 5.18
CA LYS B 230 23.66 -0.28 5.59
C LYS B 230 23.84 -1.77 5.79
N VAL B 237 15.75 -3.00 -0.18
CA VAL B 237 15.42 -2.44 1.13
C VAL B 237 14.60 -1.16 0.99
N LEU B 238 15.31 -0.04 0.84
CA LEU B 238 14.72 1.28 0.71
C LEU B 238 15.40 2.03 -0.42
N ASN B 239 15.56 1.34 -1.55
CA ASN B 239 16.31 1.85 -2.69
C ASN B 239 15.71 3.09 -3.35
N PHE B 240 14.40 3.30 -3.22
CA PHE B 240 13.75 4.46 -3.83
C PHE B 240 13.71 5.69 -2.92
N PHE B 241 14.03 5.50 -1.64
CA PHE B 241 14.04 6.61 -0.72
C PHE B 241 15.39 7.31 -0.66
N ASN B 242 15.35 8.64 -0.62
CA ASN B 242 16.43 9.42 -0.01
C ASN B 242 16.01 9.65 1.42
N LEU B 243 16.96 9.53 2.33
CA LEU B 243 16.63 9.70 3.74
C LEU B 243 17.34 10.90 4.32
N SER B 244 16.61 11.69 5.10
CA SER B 244 17.21 12.74 5.91
C SER B 244 16.72 12.65 7.33
N VAL B 245 17.55 13.05 8.27
CA VAL B 245 17.15 13.22 9.67
C VAL B 245 16.49 14.59 9.85
N GLY B 246 15.31 14.62 10.46
CA GLY B 246 14.61 15.87 10.69
C GLY B 246 15.00 16.54 12.00
N PHE B 247 15.24 17.84 11.92
CA PHE B 247 15.50 18.69 13.07
C PHE B 247 14.44 19.77 13.16
N PRO B 248 13.29 19.45 13.79
CA PRO B 248 12.18 20.39 13.97
C PRO B 248 12.43 21.48 15.01
N MET B 249 13.41 21.30 15.89
CA MET B 249 13.76 22.37 16.83
C MET B 249 14.68 23.37 16.14
N ASP B 250 14.87 24.51 16.79
CA ASP B 250 15.82 25.54 16.35
C ASP B 250 17.23 24.99 16.14
N LYS B 251 17.83 25.30 14.99
CA LYS B 251 19.24 24.94 14.79
C LYS B 251 20.12 25.34 15.98
N LYS B 252 19.83 26.49 16.59
CA LYS B 252 20.65 27.02 17.70
C LYS B 252 20.59 26.11 18.90
N GLU B 253 19.38 25.67 19.20
CA GLU B 253 19.14 24.77 20.33
C GLU B 253 19.92 23.47 20.13
N ILE B 254 19.96 22.94 18.92
CA ILE B 254 20.69 21.69 18.68
C ILE B 254 22.20 21.86 18.73
N LEU B 255 22.71 22.97 18.17
CA LEU B 255 24.14 23.26 18.26
C LEU B 255 24.59 23.36 19.72
N LYS B 256 23.80 24.09 20.53
CA LYS B 256 24.14 24.32 21.92
C LYS B 256 24.13 23.04 22.73
N LEU B 257 23.19 22.16 22.42
CA LEU B 257 23.13 20.90 23.12
C LEU B 257 24.40 20.09 22.81
N TYR B 258 24.82 20.13 21.55
CA TYR B 258 26.03 19.43 21.11
C TYR B 258 27.24 20.01 21.83
N GLU B 259 27.36 21.33 21.76
CA GLU B 259 28.48 22.02 22.40
C GLU B 259 28.55 21.78 23.90
N GLU B 260 27.40 21.59 24.53
CA GLU B 260 27.38 21.32 25.97
C GLU B 260 27.38 19.83 26.29
N ASP B 261 27.54 19.02 25.24
CA ASP B 261 27.62 17.57 25.39
C ASP B 261 26.35 17.03 26.07
N GLY B 262 25.21 17.61 25.74
CA GLY B 262 23.96 17.25 26.37
C GLY B 262 23.32 15.97 25.82
N GLU B 263 22.16 15.64 26.40
CA GLU B 263 21.38 14.48 26.02
C GLU B 263 20.05 14.91 25.43
N LEU B 264 19.54 14.07 24.53
CA LEU B 264 18.24 14.29 23.89
C LEU B 264 17.26 13.21 24.33
N GLU B 265 16.05 13.62 24.71
CA GLU B 265 15.02 12.67 25.03
C GLU B 265 14.36 12.17 23.74
N LEU B 266 14.61 10.91 23.41
CA LEU B 266 13.85 10.25 22.36
C LEU B 266 12.54 9.85 23.00
N SER B 267 11.43 10.40 22.50
CA SER B 267 10.11 10.00 22.98
C SER B 267 9.07 10.17 21.88
N HIS B 268 7.85 9.69 22.13
CA HIS B 268 6.77 9.81 21.16
C HIS B 268 5.47 9.92 21.92
N PRO B 269 4.50 10.68 21.41
CA PRO B 269 3.31 10.88 22.26
C PRO B 269 2.40 9.66 22.38
N ARG B 270 2.45 8.75 21.41
CA ARG B 270 1.61 7.56 21.48
C ARG B 270 2.42 6.30 21.78
N SER B 271 3.38 6.43 22.69
CA SER B 271 4.23 5.33 23.10
C SER B 271 4.90 5.60 24.43
N THR B 272 5.04 4.57 25.25
CA THR B 272 5.76 4.66 26.51
C THR B 272 7.24 4.42 26.24
N ILE B 273 7.55 4.05 25.00
CA ILE B 273 8.93 3.80 24.61
C ILE B 273 9.71 5.12 24.63
N ARG B 274 10.61 5.23 25.61
CA ARG B 274 11.28 6.48 25.96
C ARG B 274 12.76 6.22 26.24
N LYS B 275 13.64 7.12 25.80
CA LYS B 275 15.08 6.87 25.94
C LYS B 275 15.93 8.14 25.88
N LYS B 276 17.08 8.13 26.56
CA LYS B 276 18.04 9.23 26.55
C LYS B 276 19.31 8.84 25.81
N VAL B 277 19.79 9.76 24.97
CA VAL B 277 20.97 9.51 24.16
C VAL B 277 21.84 10.78 24.15
N LYS B 278 23.16 10.60 24.07
CA LYS B 278 24.09 11.72 23.96
C LYS B 278 24.02 12.30 22.56
N ILE B 279 23.62 13.57 22.44
CA ILE B 279 23.47 14.18 21.12
C ILE B 279 24.76 14.04 20.30
N ARG B 280 25.90 13.99 20.99
CA ARG B 280 27.17 13.78 20.28
C ARG B 280 27.30 12.38 19.67
N GLU B 281 26.86 11.34 20.40
CA GLU B 281 26.93 9.97 19.87
C GLU B 281 25.98 9.83 18.69
N LEU B 282 24.83 10.47 18.79
CA LEU B 282 23.85 10.44 17.74
C LEU B 282 24.40 11.08 16.47
N PHE B 283 25.05 12.23 16.63
CA PHE B 283 25.61 12.94 15.48
C PHE B 283 26.71 12.12 14.85
N ARG B 284 27.54 11.49 15.69
CA ARG B 284 28.65 10.71 15.15
C ARG B 284 28.12 9.51 14.37
N LYS B 285 26.97 8.99 14.77
CA LYS B 285 26.39 7.83 14.07
C LYS B 285 25.94 8.26 12.67
N ILE B 286 25.14 9.32 12.62
CA ILE B 286 24.81 9.97 11.36
C ILE B 286 26.05 10.20 10.51
N ALA B 287 27.04 10.90 11.06
CA ALA B 287 28.22 11.28 10.30
C ALA B 287 28.94 10.04 9.79
N THR B 288 28.99 9.03 10.64
CA THR B 288 29.60 7.75 10.27
C THR B 288 28.92 7.12 9.07
N ASN B 289 27.58 7.16 9.07
CA ASN B 289 26.80 6.61 7.99
C ASN B 289 26.99 7.40 6.68
N ALA B 290 26.87 8.71 6.78
CA ALA B 290 27.07 9.58 5.63
C ALA B 290 28.48 9.41 5.06
N TRP B 291 29.44 9.25 5.97
CA TRP B 291 30.82 9.01 5.59
C TRP B 291 30.97 7.78 4.68
N LYS B 292 30.27 6.70 5.00
CA LYS B 292 30.31 5.46 4.23
C LYS B 292 29.51 5.55 2.93
N SER B 293 28.32 6.12 3.00
CA SER B 293 27.31 5.94 1.95
C SER B 293 26.63 7.20 1.45
N GLY B 294 26.85 8.33 2.11
CA GLY B 294 26.24 9.58 1.66
C GLY B 294 24.83 9.84 2.18
N ASP B 295 24.37 8.97 3.07
CA ASP B 295 23.05 9.10 3.69
C ASP B 295 23.15 8.74 5.18
N PRO B 296 22.24 9.27 6.00
CA PRO B 296 21.18 10.23 5.66
C PRO B 296 21.66 11.68 5.62
N GLY B 297 20.91 12.55 4.95
CA GLY B 297 21.14 13.97 5.00
C GLY B 297 20.53 14.56 6.27
N LEU B 298 20.65 15.88 6.44
CA LEU B 298 20.03 16.59 7.55
C LEU B 298 19.02 17.61 7.03
N ALA B 299 17.83 17.63 7.63
CA ALA B 299 16.78 18.56 7.22
C ALA B 299 16.42 19.49 8.36
N PHE B 300 16.77 20.77 8.23
CA PHE B 300 16.50 21.72 9.30
C PHE B 300 15.08 22.29 9.22
N LEU B 301 14.12 21.46 9.58
CA LEU B 301 12.70 21.81 9.51
C LEU B 301 12.37 23.03 10.36
N GLY B 302 12.91 23.08 11.59
CA GLY B 302 12.74 24.26 12.43
C GLY B 302 13.18 25.52 11.68
N GLU B 303 14.32 25.45 11.01
CA GLU B 303 14.82 26.60 10.27
C GLU B 303 13.93 26.90 9.05
N MET B 304 13.29 25.87 8.49
CA MET B 304 12.36 26.10 7.37
C MET B 304 11.12 26.81 7.88
N ASN B 305 10.66 26.41 9.06
CA ASN B 305 9.48 27.02 9.68
C ASN B 305 9.70 28.45 10.21
N LYS B 306 10.92 28.75 10.62
CA LYS B 306 11.29 30.11 11.04
C LYS B 306 10.98 31.09 9.91
N TYR B 307 11.09 30.61 8.67
CA TYR B 307 10.91 31.46 7.50
C TYR B 307 9.62 31.16 6.73
N TYR B 308 8.75 30.34 7.31
CA TYR B 308 7.56 29.89 6.60
C TYR B 308 6.44 30.88 6.89
N PRO B 309 5.99 31.60 5.85
CA PRO B 309 5.00 32.65 6.10
C PRO B 309 3.70 32.16 6.76
N LEU B 310 3.43 30.86 6.74
CA LEU B 310 2.18 30.35 7.32
C LEU B 310 2.34 29.61 8.64
N TYR B 311 3.55 29.58 9.17
CA TYR B 311 3.81 28.95 10.45
C TYR B 311 3.36 29.90 11.57
N PRO B 312 2.71 29.36 12.62
CA PRO B 312 2.48 27.94 12.87
C PRO B 312 1.07 27.41 12.53
N HIS B 313 0.23 28.20 11.87
CA HIS B 313 -1.05 27.67 11.41
C HIS B 313 -0.79 26.41 10.59
N ARG B 314 0.11 26.53 9.61
CA ARG B 314 0.59 25.39 8.85
C ARG B 314 2.04 25.13 9.22
N LYS B 315 2.53 23.94 8.91
CA LYS B 315 3.87 23.54 9.33
C LYS B 315 4.55 22.76 8.23
N ILE B 316 5.82 23.05 7.99
CA ILE B 316 6.64 22.28 7.06
C ILE B 316 7.25 21.09 7.80
N ASN B 317 6.91 19.86 7.38
CA ASN B 317 7.39 18.66 8.08
C ASN B 317 8.34 17.86 7.21
N SER B 318 8.42 18.21 5.95
CA SER B 318 9.18 17.39 5.04
C SER B 318 9.55 18.19 3.80
N THR B 319 10.52 17.68 3.06
CA THR B 319 10.84 18.21 1.76
C THR B 319 10.49 17.18 0.68
N ASN B 320 10.50 17.64 -0.57
CA ASN B 320 10.39 16.77 -1.72
C ASN B 320 11.68 15.94 -1.77
N PRO B 321 11.78 15.00 -2.71
CA PRO B 321 12.91 14.05 -2.70
C PRO B 321 14.30 14.67 -2.75
N CYS B 322 14.50 15.76 -3.50
CA CYS B 322 15.83 16.38 -3.61
C CYS B 322 16.06 17.53 -2.62
N GLY B 323 15.10 17.74 -1.72
CA GLY B 323 15.32 18.61 -0.56
C GLY B 323 15.13 20.11 -0.74
N GLU B 324 14.99 20.58 -1.98
CA GLU B 324 15.03 22.04 -2.21
C GLU B 324 13.70 22.74 -1.92
N ILE B 325 12.61 22.00 -1.79
CA ILE B 325 11.36 22.63 -1.37
C ILE B 325 10.83 22.05 -0.06
N GLY B 326 10.69 22.90 0.94
CA GLY B 326 10.03 22.53 2.17
C GLY B 326 8.54 22.75 1.99
N LEU B 327 7.73 21.71 2.22
CA LEU B 327 6.30 21.77 1.90
C LEU B 327 5.43 21.37 3.10
N SER B 328 4.29 22.01 3.25
CA SER B 328 3.33 21.59 4.24
C SER B 328 2.49 20.44 3.67
N ASP B 329 1.68 19.83 4.52
CA ASP B 329 0.91 18.65 4.12
C ASP B 329 0.05 18.87 2.88
N TYR B 330 0.22 17.97 1.89
CA TYR B 330 -0.54 18.00 0.63
C TYR B 330 -0.16 19.16 -0.27
N GLU B 331 0.84 19.92 0.12
CA GLU B 331 1.28 21.01 -0.74
C GLU B 331 2.11 20.47 -1.88
N ALA B 332 2.02 21.10 -3.04
CA ALA B 332 2.90 20.78 -4.16
C ALA B 332 3.56 22.07 -4.67
N CYS B 333 4.60 21.94 -5.47
CA CYS B 333 5.28 23.11 -6.00
C CYS B 333 5.87 22.85 -7.39
N ASN B 334 5.63 23.77 -8.33
CA ASN B 334 6.28 23.73 -9.63
C ASN B 334 7.51 24.65 -9.74
N LEU B 335 8.54 24.16 -10.40
CA LEU B 335 9.84 24.79 -10.43
C LEU B 335 10.16 25.23 -11.84
N GLY B 336 11.09 26.19 -11.95
CA GLY B 336 11.60 26.62 -13.23
C GLY B 336 12.94 27.30 -13.01
N SER B 337 13.88 27.16 -13.95
CA SER B 337 15.21 27.73 -13.72
C SER B 337 15.72 28.64 -14.86
N ILE B 338 16.37 29.73 -14.46
CA ILE B 338 16.98 30.67 -15.39
C ILE B 338 18.44 30.27 -15.56
N ASP B 339 18.87 30.12 -16.81
CA ASP B 339 20.28 29.89 -17.08
C ASP B 339 21.03 31.23 -17.03
N VAL B 340 21.66 31.50 -15.89
CA VAL B 340 22.35 32.79 -15.70
C VAL B 340 23.62 32.88 -16.52
N ALA B 341 24.13 31.75 -17.00
CA ALA B 341 25.31 31.83 -17.85
C ALA B 341 25.02 32.58 -19.16
N LYS B 342 23.77 32.54 -19.61
CA LYS B 342 23.43 33.24 -20.86
C LYS B 342 23.29 34.76 -20.65
N PHE B 343 23.39 35.20 -19.41
CA PHE B 343 23.27 36.62 -19.12
C PHE B 343 24.64 37.33 -18.98
N TYR B 344 25.71 36.61 -19.30
CA TYR B 344 27.04 37.19 -19.27
C TYR B 344 27.23 38.13 -20.46
N ASN B 345 27.68 39.35 -20.21
CA ASN B 345 27.83 40.31 -21.29
C ASN B 345 29.05 41.19 -20.99
N ASN B 346 30.10 40.95 -21.76
CA ASN B 346 31.38 41.66 -21.63
C ASN B 346 31.82 41.96 -20.20
N GLY B 347 31.94 40.91 -19.39
CA GLY B 347 32.50 41.04 -18.05
C GLY B 347 31.48 41.24 -16.96
N PHE B 348 30.22 41.43 -17.33
CA PHE B 348 29.17 41.58 -16.32
C PHE B 348 27.89 40.83 -16.65
N VAL B 349 27.04 40.71 -15.64
CA VAL B 349 25.75 40.09 -15.78
C VAL B 349 24.81 41.17 -16.23
N ASP B 350 24.14 40.96 -17.36
CA ASP B 350 23.18 41.93 -17.88
C ASP B 350 21.96 41.92 -16.97
N LEU B 351 21.95 42.84 -16.01
CA LEU B 351 20.88 42.89 -15.01
C LEU B 351 19.58 43.43 -15.59
N GLU B 352 19.70 44.16 -16.70
CA GLU B 352 18.53 44.73 -17.35
C GLU B 352 17.71 43.61 -17.95
N ALA B 353 18.37 42.76 -18.71
CA ALA B 353 17.71 41.59 -19.28
C ALA B 353 17.25 40.61 -18.19
N LEU B 354 18.09 40.40 -17.17
CA LEU B 354 17.74 39.43 -16.13
C LEU B 354 16.45 39.84 -15.42
N GLN B 355 16.39 41.10 -15.00
CA GLN B 355 15.17 41.61 -14.36
C GLN B 355 13.90 41.29 -15.17
N GLU B 356 13.94 41.51 -16.48
CA GLU B 356 12.78 41.25 -17.33
C GLU B 356 12.41 39.76 -17.32
N LEU B 357 13.41 38.90 -17.47
CA LEU B 357 13.19 37.45 -17.42
C LEU B 357 12.66 36.93 -16.08
N VAL B 358 13.11 37.53 -14.99
CA VAL B 358 12.60 37.13 -13.69
C VAL B 358 11.11 37.44 -13.61
N GLN B 359 10.74 38.61 -14.13
CA GLN B 359 9.34 39.03 -14.17
C GLN B 359 8.46 38.09 -15.02
N ILE B 360 8.99 37.70 -16.17
CA ILE B 360 8.27 36.77 -17.06
C ILE B 360 8.22 35.37 -16.46
N ALA B 361 9.32 34.94 -15.84
CA ALA B 361 9.44 33.60 -15.25
C ALA B 361 8.49 33.39 -14.08
N VAL B 362 8.34 34.42 -13.24
CA VAL B 362 7.41 34.34 -12.13
C VAL B 362 5.96 34.22 -12.64
N ARG B 363 5.63 34.96 -13.68
CA ARG B 363 4.29 34.89 -14.24
C ARG B 363 4.04 33.51 -14.87
N PHE B 364 5.02 33.02 -15.61
CA PHE B 364 4.95 31.71 -16.21
C PHE B 364 4.70 30.64 -15.12
N LEU B 365 5.53 30.61 -14.07
CA LEU B 365 5.38 29.63 -13.01
C LEU B 365 4.02 29.73 -12.32
N ASP B 366 3.55 30.95 -12.10
CA ASP B 366 2.26 31.13 -11.44
C ASP B 366 1.11 30.73 -12.35
N ASN B 367 1.29 30.89 -13.67
CA ASN B 367 0.33 30.42 -14.66
C ASN B 367 0.26 28.89 -14.66
N VAL B 368 1.40 28.23 -14.45
CA VAL B 368 1.43 26.77 -14.44
C VAL B 368 0.41 26.23 -13.44
N ILE B 369 0.41 26.80 -12.24
CA ILE B 369 -0.61 26.43 -11.26
C ILE B 369 -2.01 26.37 -11.87
N ASP B 370 -2.39 27.38 -12.66
CA ASP B 370 -3.76 27.47 -13.19
C ASP B 370 -4.12 26.39 -14.20
N VAL B 371 -3.12 25.83 -14.88
CA VAL B 371 -3.39 24.82 -15.89
C VAL B 371 -2.91 23.45 -15.43
N ASN B 372 -2.45 23.38 -14.19
CA ASN B 372 -2.04 22.11 -13.57
C ASN B 372 -3.24 21.24 -13.22
N VAL B 373 -3.09 19.93 -13.37
CA VAL B 373 -4.08 19.00 -12.85
C VAL B 373 -3.43 18.02 -11.88
N PHE B 374 -3.91 18.03 -10.64
CA PHE B 374 -3.40 17.09 -9.63
C PHE B 374 -4.35 15.88 -9.49
N PRO B 375 -3.80 14.71 -9.09
CA PRO B 375 -4.51 13.43 -8.92
C PRO B 375 -5.26 13.33 -7.59
N ILE B 376 -5.12 14.34 -6.76
CA ILE B 376 -5.72 14.31 -5.42
C ILE B 376 -6.29 15.68 -5.06
N ASP B 377 -7.52 15.72 -4.59
CA ASP B 377 -8.18 17.02 -4.34
C ASP B 377 -7.49 17.85 -3.26
N LYS B 378 -7.01 17.20 -2.20
CA LYS B 378 -6.35 17.89 -1.11
C LYS B 378 -5.16 18.70 -1.62
N ILE B 379 -4.38 18.10 -2.52
CA ILE B 379 -3.27 18.79 -3.16
C ILE B 379 -3.74 20.01 -3.95
N THR B 380 -4.69 19.78 -4.85
CA THR B 380 -5.30 20.85 -5.63
C THR B 380 -5.68 22.03 -4.75
N LYS B 381 -6.30 21.73 -3.61
CA LYS B 381 -6.72 22.75 -2.66
C LYS B 381 -5.53 23.46 -2.00
N ALA B 382 -4.54 22.69 -1.57
CA ALA B 382 -3.38 23.27 -0.89
C ALA B 382 -2.56 24.20 -1.81
N VAL B 383 -2.50 23.84 -3.09
CA VAL B 383 -1.73 24.61 -4.05
C VAL B 383 -2.45 25.93 -4.35
N LYS B 384 -3.76 25.89 -4.51
CA LYS B 384 -4.53 27.10 -4.80
C LYS B 384 -4.53 28.09 -3.65
N GLU B 385 -4.41 27.57 -2.44
CA GLU B 385 -4.46 28.41 -1.25
C GLU B 385 -3.13 29.11 -0.97
N SER B 386 -2.02 28.46 -1.32
CA SER B 386 -0.69 29.02 -1.07
C SER B 386 0.03 29.56 -2.32
N ARG B 387 -0.20 28.93 -3.47
CA ARG B 387 0.46 29.29 -4.74
C ARG B 387 1.98 29.41 -4.62
N ARG B 388 2.60 28.47 -3.94
CA ARG B 388 4.06 28.47 -3.77
C ARG B 388 4.78 28.19 -5.08
N LEU B 389 5.85 28.92 -5.36
CA LEU B 389 6.64 28.72 -6.57
C LEU B 389 8.11 28.41 -6.29
N GLY B 390 8.79 27.84 -7.27
CA GLY B 390 10.21 27.52 -7.15
C GLY B 390 11.06 28.00 -8.31
N LEU B 391 11.18 29.31 -8.44
CA LEU B 391 12.07 29.91 -9.44
C LEU B 391 13.51 29.78 -9.00
N GLY B 392 14.35 29.17 -9.83
CA GLY B 392 15.75 29.08 -9.47
C GLY B 392 16.69 29.50 -10.59
N ILE B 393 17.95 29.16 -10.44
CA ILE B 393 18.92 29.40 -11.48
C ILE B 393 19.70 28.13 -11.78
N MET B 394 20.27 28.09 -12.98
CA MET B 394 21.26 27.09 -13.35
C MET B 394 22.36 27.86 -14.07
N GLY B 395 23.39 27.16 -14.52
CA GLY B 395 24.48 27.79 -15.23
C GLY B 395 25.37 28.66 -14.34
N PHE B 396 25.17 28.58 -13.02
CA PHE B 396 25.96 29.42 -12.13
C PHE B 396 27.46 29.19 -12.26
N ALA B 397 27.90 27.94 -12.23
CA ALA B 397 29.33 27.65 -12.36
C ALA B 397 29.93 28.17 -13.67
N ASP B 398 29.20 27.97 -14.76
CA ASP B 398 29.65 28.41 -16.08
C ASP B 398 29.72 29.93 -16.11
N LEU B 399 28.75 30.59 -15.48
CA LEU B 399 28.77 32.03 -15.38
C LEU B 399 30.07 32.50 -14.71
N LEU B 400 30.43 31.86 -13.58
CA LEU B 400 31.70 32.17 -12.90
C LEU B 400 32.90 31.89 -13.80
N TYR B 401 32.84 30.81 -14.59
CA TYR B 401 33.90 30.57 -15.58
C TYR B 401 34.05 31.78 -16.53
N LYS B 402 32.94 32.34 -16.98
CA LYS B 402 32.98 33.44 -17.95
C LYS B 402 33.49 34.73 -17.33
N LEU B 403 33.08 34.97 -16.09
CA LEU B 403 33.55 36.11 -15.29
C LEU B 403 34.96 35.92 -14.75
N GLU B 404 35.53 34.74 -14.96
CA GLU B 404 36.87 34.44 -14.49
C GLU B 404 36.98 34.58 -12.96
N ILE B 405 35.96 34.08 -12.27
CA ILE B 405 35.91 34.05 -10.81
C ILE B 405 35.97 32.62 -10.27
N PRO B 406 36.92 32.35 -9.36
CA PRO B 406 37.04 31.00 -8.80
C PRO B 406 35.85 30.68 -7.90
N TYR B 407 35.25 29.50 -8.10
CA TYR B 407 34.10 29.08 -7.30
C TYR B 407 34.43 29.14 -5.81
N ASN B 408 35.63 28.68 -5.46
CA ASN B 408 36.06 28.65 -4.07
C ASN B 408 36.77 29.94 -3.60
N SER B 409 36.05 31.05 -3.60
CA SER B 409 36.56 32.32 -3.11
C SER B 409 35.43 33.10 -2.49
N GLN B 410 35.76 33.99 -1.56
CA GLN B 410 34.80 34.97 -1.05
C GLN B 410 34.21 35.82 -2.18
N GLU B 411 35.00 36.03 -3.22
CA GLU B 411 34.56 36.86 -4.32
C GLU B 411 33.35 36.20 -4.98
N ALA B 412 33.46 34.89 -5.23
CA ALA B 412 32.34 34.15 -5.78
C ALA B 412 31.09 34.16 -4.87
N ARG B 413 31.28 33.99 -3.56
CA ARG B 413 30.16 33.98 -2.61
C ARG B 413 29.44 35.33 -2.45
N ASP B 414 30.20 36.41 -2.45
CA ASP B 414 29.63 37.75 -2.50
C ASP B 414 28.84 37.94 -3.79
N PHE B 415 29.42 37.53 -4.91
CA PHE B 415 28.76 37.65 -6.21
C PHE B 415 27.42 36.90 -6.16
N ALA B 416 27.45 35.66 -5.67
CA ALA B 416 26.25 34.82 -5.60
C ALA B 416 25.14 35.43 -4.77
N ALA B 417 25.49 35.87 -3.56
CA ALA B 417 24.51 36.47 -2.66
C ALA B 417 23.86 37.67 -3.33
N ASN B 418 24.68 38.45 -4.06
CA ASN B 418 24.19 39.62 -4.72
C ASN B 418 23.30 39.30 -5.92
N LEU B 419 23.77 38.37 -6.74
CA LEU B 419 22.96 37.86 -7.83
C LEU B 419 21.61 37.35 -7.32
N MET B 420 21.65 36.54 -6.25
CA MET B 420 20.45 35.91 -5.71
C MET B 420 19.53 36.94 -5.07
N ALA B 421 20.09 37.90 -4.33
CA ALA B 421 19.28 38.98 -3.75
C ALA B 421 18.55 39.76 -4.84
N PHE B 422 19.22 39.94 -5.97
CA PHE B 422 18.63 40.69 -7.08
C PHE B 422 17.42 39.97 -7.65
N ILE B 423 17.59 38.68 -7.92
CA ILE B 423 16.49 37.84 -8.40
C ILE B 423 15.36 37.83 -7.37
N ALA B 424 15.70 37.68 -6.10
CA ALA B 424 14.66 37.58 -5.06
C ALA B 424 13.84 38.86 -5.00
N LEU B 425 14.54 40.00 -5.08
CA LEU B 425 13.88 41.29 -5.05
C LEU B 425 12.86 41.40 -6.19
N HIS B 426 13.31 41.17 -7.41
CA HIS B 426 12.41 41.26 -8.56
C HIS B 426 11.34 40.17 -8.61
N ALA B 427 11.66 38.96 -8.17
CA ALA B 427 10.63 37.92 -8.18
C ALA B 427 9.51 38.31 -7.22
N HIS B 428 9.90 38.76 -6.03
CA HIS B 428 8.93 39.22 -5.04
C HIS B 428 8.20 40.51 -5.45
N ARG B 429 8.90 41.45 -6.06
CA ARG B 429 8.20 42.60 -6.63
C ARG B 429 7.16 42.12 -7.68
N THR B 430 7.55 41.17 -8.51
CA THR B 430 6.59 40.57 -9.45
C THR B 430 5.38 39.90 -8.75
N SER B 431 5.61 39.27 -7.61
CA SER B 431 4.49 38.64 -6.91
C SER B 431 3.48 39.70 -6.45
N TYR B 432 4.01 40.82 -5.95
CA TYR B 432 3.19 41.95 -5.55
C TYR B 432 2.32 42.36 -6.73
N GLU B 433 2.98 42.60 -7.87
CA GLU B 433 2.30 42.99 -9.09
C GLU B 433 1.23 41.99 -9.50
N LEU B 434 1.59 40.71 -9.55
CA LEU B 434 0.61 39.67 -9.92
C LEU B 434 -0.56 39.56 -8.94
N GLY B 435 -0.32 39.91 -7.68
CA GLY B 435 -1.37 39.86 -6.68
C GLY B 435 -2.34 41.01 -6.90
N LYS B 436 -1.78 42.17 -7.25
CA LYS B 436 -2.56 43.35 -7.60
C LYS B 436 -3.40 43.10 -8.85
N GLU B 437 -2.81 42.42 -9.84
CA GLU B 437 -3.49 42.16 -11.12
C GLU B 437 -4.48 41.00 -11.08
N LYS B 438 -4.08 39.87 -10.51
CA LYS B 438 -4.90 38.67 -10.59
C LYS B 438 -5.55 38.26 -9.27
N GLY B 439 -5.05 38.79 -8.16
CA GLY B 439 -5.58 38.44 -6.86
C GLY B 439 -4.51 37.83 -5.97
N ASN B 440 -4.60 38.09 -4.67
CA ASN B 440 -3.63 37.57 -3.71
C ASN B 440 -3.85 36.09 -3.48
N PHE B 441 -2.83 35.39 -2.99
CA PHE B 441 -3.07 34.02 -2.56
C PHE B 441 -4.00 34.04 -1.34
N PRO B 442 -5.04 33.20 -1.37
CA PRO B 442 -6.12 33.18 -0.39
C PRO B 442 -5.64 33.32 1.05
N LEU B 443 -4.47 32.78 1.37
CA LEU B 443 -4.03 32.74 2.77
C LEU B 443 -3.14 33.91 3.18
N LEU B 444 -2.84 34.80 2.23
CA LEU B 444 -2.06 36.00 2.56
C LEU B 444 -2.56 36.60 3.86
N GLU B 445 -3.88 36.64 4.00
CA GLU B 445 -4.54 37.34 5.10
C GLU B 445 -4.15 36.82 6.48
N ILE B 446 -3.77 35.55 6.56
CA ILE B 446 -3.37 34.96 7.83
C ILE B 446 -1.86 34.70 7.89
N SER B 447 -1.13 35.12 6.87
CA SER B 447 0.30 34.87 6.86
C SER B 447 1.06 35.92 7.62
N ARG B 448 2.36 35.71 7.74
CA ARG B 448 3.21 36.67 8.43
C ARG B 448 3.60 37.86 7.56
N TYR B 449 3.15 37.87 6.31
CA TYR B 449 3.32 39.07 5.49
C TYR B 449 2.35 40.15 5.95
N ARG B 450 1.23 39.73 6.55
CA ARG B 450 0.23 40.70 7.02
C ARG B 450 0.14 40.84 8.54
N THR B 451 0.39 39.76 9.26
CA THR B 451 0.19 39.77 10.71
C THR B 451 1.42 40.28 11.46
N GLU B 452 2.56 40.28 10.79
CA GLU B 452 3.82 40.58 11.43
C GLU B 452 4.51 41.75 10.74
N ASP B 453 5.32 42.49 11.48
CA ASP B 453 6.07 43.59 10.92
C ASP B 453 7.50 43.15 10.64
N ASN B 454 8.02 43.56 9.49
CA ASN B 454 9.40 43.26 9.12
C ASN B 454 9.66 41.76 8.91
N PHE B 455 8.62 41.02 8.56
CA PHE B 455 8.82 39.63 8.18
C PHE B 455 9.55 39.55 6.86
N VAL B 456 10.69 38.87 6.86
CA VAL B 456 11.38 38.54 5.63
C VAL B 456 11.57 37.01 5.63
N PRO B 457 11.28 36.36 4.50
CA PRO B 457 11.33 34.89 4.40
C PRO B 457 12.71 34.31 4.07
N PHE B 458 13.77 35.03 4.38
CA PHE B 458 15.13 34.49 4.32
C PHE B 458 16.06 35.40 5.14
N ALA B 459 17.29 34.96 5.37
CA ALA B 459 18.12 35.62 6.38
C ALA B 459 18.73 36.94 5.88
N MET B 460 19.07 37.00 4.59
CA MET B 460 19.78 38.18 4.07
C MET B 460 21.14 38.35 4.71
N GLY B 461 21.60 39.60 4.85
CA GLY B 461 22.83 39.87 5.57
C GLY B 461 24.07 39.79 4.72
N MET B 462 23.91 39.65 3.40
CA MET B 462 25.07 39.60 2.50
C MET B 462 24.82 40.32 1.19
N SER B 463 24.17 41.47 1.23
CA SER B 463 23.92 42.20 0.00
C SER B 463 23.53 43.65 0.21
N ASN B 464 23.81 44.48 -0.79
CA ASN B 464 23.39 45.88 -0.69
C ASN B 464 21.93 46.02 -1.06
N TYR B 465 21.30 44.89 -1.37
CA TYR B 465 19.90 44.90 -1.80
C TYR B 465 18.96 44.75 -0.62
N ASP B 466 19.51 44.58 0.57
CA ASP B 466 18.68 44.21 1.72
C ASP B 466 17.57 45.22 2.02
N ASP B 467 17.91 46.51 2.04
CA ASP B 467 16.92 47.53 2.34
C ASP B 467 15.79 47.55 1.33
N GLU B 468 16.14 47.42 0.06
CA GLU B 468 15.16 47.36 -0.99
C GLU B 468 14.26 46.11 -0.87
N ILE B 469 14.85 44.97 -0.50
CA ILE B 469 14.06 43.75 -0.29
C ILE B 469 13.10 43.95 0.87
N ARG B 470 13.59 44.60 1.92
CA ARG B 470 12.73 44.87 3.06
C ARG B 470 11.53 45.70 2.65
N GLU B 471 11.75 46.73 1.85
CA GLU B 471 10.65 47.57 1.37
C GLU B 471 9.61 46.76 0.62
N VAL B 472 10.05 45.99 -0.38
CA VAL B 472 9.08 45.18 -1.13
C VAL B 472 8.32 44.19 -0.25
N MET B 473 8.97 43.61 0.75
CA MET B 473 8.25 42.69 1.64
C MET B 473 7.15 43.41 2.40
N LYS B 474 7.38 44.69 2.73
CA LYS B 474 6.36 45.48 3.41
C LYS B 474 5.18 45.72 2.48
N MET B 475 5.49 46.00 1.23
CA MET B 475 4.47 46.15 0.19
C MET B 475 3.59 44.93 0.04
N THR B 476 4.20 43.75 0.08
CA THR B 476 3.45 42.51 -0.13
C THR B 476 2.50 42.21 1.02
N LYS B 477 2.55 43.00 2.09
CA LYS B 477 1.50 42.92 3.10
C LYS B 477 0.15 43.11 2.45
N GLU B 478 0.12 44.02 1.47
CA GLU B 478 -1.11 44.42 0.79
C GLU B 478 -1.44 43.52 -0.41
N PHE B 479 -0.45 43.33 -1.29
CA PHE B 479 -0.65 42.48 -2.46
C PHE B 479 0.44 41.45 -2.61
N ARG B 480 0.03 40.20 -2.83
CA ARG B 480 0.96 39.09 -2.95
C ARG B 480 0.29 37.88 -3.57
N ARG B 481 0.83 37.42 -4.70
CA ARG B 481 0.26 36.35 -5.47
C ARG B 481 0.68 34.97 -4.93
N ASN B 482 1.83 34.94 -4.27
CA ASN B 482 2.47 33.67 -3.94
C ASN B 482 3.06 33.67 -2.53
N VAL B 483 2.98 32.54 -1.84
CA VAL B 483 3.53 32.46 -0.49
C VAL B 483 5.08 32.49 -0.47
N ALA B 484 5.69 31.96 -1.52
CA ALA B 484 7.14 31.94 -1.66
C ALA B 484 7.45 31.68 -3.11
N LEU B 485 8.66 32.03 -3.57
CA LEU B 485 8.91 32.08 -5.00
C LEU B 485 10.19 31.41 -5.50
N LEU B 486 11.15 31.21 -4.62
CA LEU B 486 12.51 30.85 -5.05
C LEU B 486 13.01 29.52 -4.52
N THR B 487 13.89 28.90 -5.29
CA THR B 487 14.60 27.72 -4.85
C THR B 487 15.83 27.57 -5.73
N ILE B 488 16.72 26.65 -5.39
CA ILE B 488 17.70 26.20 -6.37
C ILE B 488 17.62 24.69 -6.42
N ALA B 489 17.29 24.20 -7.60
CA ALA B 489 16.97 22.79 -7.82
C ALA B 489 18.23 22.10 -8.36
N PRO B 490 18.26 20.76 -8.35
CA PRO B 490 19.40 20.08 -8.98
C PRO B 490 19.52 20.46 -10.47
N THR B 491 18.39 20.63 -11.12
CA THR B 491 18.30 20.85 -12.58
C THR B 491 19.12 19.85 -13.40
N GLY B 492 19.17 18.60 -12.94
CA GLY B 492 19.89 17.55 -13.63
C GLY B 492 19.57 17.38 -15.10
N SER B 493 18.29 17.32 -15.46
CA SER B 493 17.95 17.17 -16.87
C SER B 493 17.81 18.50 -17.65
N ILE B 494 17.19 19.50 -17.02
CA ILE B 494 16.96 20.76 -17.73
C ILE B 494 18.25 21.58 -17.97
N SER B 495 19.26 21.41 -17.14
CA SER B 495 20.54 22.07 -17.40
C SER B 495 21.23 21.43 -18.61
N ASN B 496 21.04 20.13 -18.79
CA ASN B 496 21.55 19.44 -19.99
C ASN B 496 20.86 19.88 -21.28
N ILE B 497 19.54 20.00 -21.23
CA ILE B 497 18.77 20.58 -22.32
C ILE B 497 19.27 21.99 -22.67
N ALA B 498 19.57 22.80 -21.64
CA ALA B 498 20.07 24.17 -21.85
C ALA B 498 21.57 24.28 -22.12
N ASP B 499 22.26 23.14 -22.11
CA ASP B 499 23.71 23.11 -22.30
C ASP B 499 24.48 24.03 -21.35
N THR B 500 24.25 23.85 -20.05
CA THR B 500 24.86 24.71 -19.05
C THR B 500 25.08 23.91 -17.78
N SER B 501 25.83 24.49 -16.83
CA SER B 501 26.08 23.82 -15.55
C SER B 501 24.80 23.73 -14.68
N SER B 502 24.80 22.79 -13.74
CA SER B 502 23.58 22.48 -12.98
C SER B 502 23.42 23.35 -11.76
N GLY B 503 22.23 23.96 -11.63
CA GLY B 503 21.91 24.74 -10.46
C GLY B 503 23.05 25.62 -10.00
N LEU B 504 23.30 25.62 -8.68
CA LEU B 504 24.41 26.40 -8.15
C LEU B 504 25.68 25.59 -8.04
N GLU B 505 25.62 24.34 -8.46
CA GLU B 505 26.76 23.42 -8.28
C GLU B 505 27.94 23.79 -9.15
N PRO B 506 29.14 23.60 -8.64
CA PRO B 506 30.28 23.71 -9.57
C PRO B 506 30.18 22.57 -10.57
N ASN B 507 30.83 22.70 -11.71
CA ASN B 507 30.91 21.58 -12.62
C ASN B 507 31.57 20.39 -11.92
N PHE B 508 31.04 19.19 -12.10
CA PHE B 508 31.67 18.06 -11.44
C PHE B 508 32.94 17.66 -12.18
N LEU B 509 32.91 17.79 -13.50
CA LEU B 509 34.07 17.49 -14.34
C LEU B 509 34.08 18.43 -15.55
N LEU B 510 35.27 18.70 -16.08
CA LEU B 510 35.42 19.57 -17.24
C LEU B 510 35.37 18.80 -18.57
N ALA B 511 35.74 17.52 -18.51
CA ALA B 511 35.65 16.63 -19.66
C ALA B 511 35.25 15.25 -19.15
N TYR B 512 34.24 14.65 -19.77
CA TYR B 512 33.70 13.37 -19.30
C TYR B 512 32.79 12.69 -20.33
N THR B 513 32.16 11.58 -19.93
CA THR B 513 31.20 10.87 -20.78
C THR B 513 30.11 10.21 -19.94
N ARG B 514 28.86 10.31 -20.40
CA ARG B 514 27.74 9.64 -19.73
C ARG B 514 27.05 8.64 -20.67
N PHE B 515 26.12 7.86 -20.12
CA PHE B 515 25.41 6.84 -20.90
C PHE B 515 23.89 7.03 -20.80
N PRO B 525 26.81 7.13 -26.19
CA PRO B 525 27.17 7.88 -24.99
C PRO B 525 28.02 9.07 -25.38
N LEU B 526 29.12 9.29 -24.67
CA LEU B 526 30.27 10.07 -25.17
C LEU B 526 30.57 11.46 -24.61
N LEU B 527 31.59 12.05 -25.22
CA LEU B 527 32.25 13.28 -24.80
C LEU B 527 31.36 14.46 -24.42
N TYR B 528 31.53 14.93 -23.19
CA TYR B 528 31.12 16.27 -22.79
C TYR B 528 32.41 17.01 -22.49
N VAL B 529 32.61 18.17 -23.09
CA VAL B 529 33.75 19.02 -22.73
C VAL B 529 33.28 20.44 -22.51
N ASN B 530 33.54 20.93 -21.31
CA ASN B 530 33.03 22.24 -20.92
C ASN B 530 33.30 23.29 -22.00
N GLN B 531 32.25 23.98 -22.43
CA GLN B 531 32.39 24.87 -23.57
C GLN B 531 33.08 26.19 -23.24
N VAL B 532 33.02 26.60 -21.99
CA VAL B 532 33.74 27.80 -21.59
C VAL B 532 35.23 27.50 -21.49
N LEU B 533 35.57 26.31 -21.01
CA LEU B 533 36.96 25.90 -21.03
C LEU B 533 37.43 25.94 -22.49
N ARG B 534 36.61 25.39 -23.38
CA ARG B 534 36.99 25.31 -24.79
C ARG B 534 37.15 26.68 -25.46
N GLU B 535 36.72 27.74 -24.78
CA GLU B 535 36.81 29.10 -25.33
C GLU B 535 37.97 29.90 -24.74
N LYS B 536 38.31 29.64 -23.49
CA LYS B 536 39.39 30.37 -22.83
C LYS B 536 40.75 29.72 -23.09
N LEU B 537 40.91 28.50 -22.61
CA LEU B 537 42.15 27.76 -22.80
C LEU B 537 42.62 27.78 -24.25
N ASN B 538 43.94 27.83 -24.44
CA ASN B 538 44.54 27.76 -25.76
C ASN B 538 44.29 26.39 -26.40
N PRO B 539 43.61 26.38 -27.57
CA PRO B 539 43.22 25.13 -28.23
C PRO B 539 44.39 24.18 -28.41
N GLU B 540 45.60 24.73 -28.50
CA GLU B 540 46.79 23.92 -28.61
C GLU B 540 47.00 23.16 -27.30
N ILE B 541 47.02 23.92 -26.20
CA ILE B 541 47.20 23.33 -24.88
C ILE B 541 46.04 22.41 -24.50
N LEU B 542 44.89 22.61 -25.14
CA LEU B 542 43.71 21.78 -24.87
C LEU B 542 43.87 20.36 -25.43
N LYS B 543 44.28 20.25 -26.69
CA LYS B 543 44.56 18.94 -27.28
C LYS B 543 45.65 18.24 -26.47
N ARG B 544 46.53 19.04 -25.88
CA ARG B 544 47.63 18.52 -25.09
C ARG B 544 47.14 17.84 -23.82
N ILE B 545 46.47 18.62 -22.97
CA ILE B 545 46.09 18.15 -21.65
C ILE B 545 44.78 17.34 -21.65
N GLU B 546 44.03 17.44 -22.74
CA GLU B 546 42.73 16.77 -22.84
C GLU B 546 42.78 15.36 -22.25
N LYS B 547 43.83 14.62 -22.61
CA LYS B 547 43.97 13.23 -22.17
C LYS B 547 44.13 13.15 -20.66
N GLU B 548 45.03 13.97 -20.12
CA GLU B 548 45.31 13.99 -18.69
C GLU B 548 44.10 14.46 -17.90
N LEU B 549 43.40 15.47 -18.42
CA LEU B 549 42.23 16.05 -17.78
C LEU B 549 41.14 15.01 -17.48
N ILE B 550 40.72 14.26 -18.49
CA ILE B 550 39.72 13.21 -18.32
C ILE B 550 40.21 12.14 -17.34
N GLU B 551 41.49 11.82 -17.43
CA GLU B 551 42.12 10.85 -16.54
C GLU B 551 42.08 11.33 -15.09
N LYS B 552 42.61 12.53 -14.87
CA LYS B 552 42.76 13.08 -13.52
C LYS B 552 41.54 13.86 -13.02
N GLY B 553 40.54 14.03 -13.88
CA GLY B 553 39.31 14.70 -13.50
C GLY B 553 39.47 16.11 -12.98
N SER B 554 40.64 16.70 -13.18
CA SER B 554 40.89 18.07 -12.72
C SER B 554 42.15 18.67 -13.36
N LEU B 555 42.20 20.00 -13.40
CA LEU B 555 43.37 20.71 -13.90
C LEU B 555 44.42 20.85 -12.80
N LYS B 556 43.98 20.81 -11.55
CA LYS B 556 44.83 21.05 -10.38
C LYS B 556 46.32 20.93 -10.66
N ASP B 557 46.79 19.70 -10.83
CA ASP B 557 48.20 19.48 -11.10
C ASP B 557 48.46 18.81 -12.45
N ILE B 558 48.14 19.53 -13.51
CA ILE B 558 48.63 19.22 -14.84
C ILE B 558 49.63 20.29 -15.20
N PRO B 559 50.88 19.92 -15.49
CA PRO B 559 51.86 20.93 -15.90
C PRO B 559 51.54 21.46 -17.29
N ASP B 560 51.99 22.68 -17.58
CA ASP B 560 51.77 23.29 -18.89
C ASP B 560 50.36 23.86 -19.03
N VAL B 561 49.71 24.12 -17.90
CA VAL B 561 48.42 24.82 -17.90
C VAL B 561 48.49 26.06 -17.02
N PRO B 562 48.17 27.22 -17.61
CA PRO B 562 48.24 28.53 -16.97
C PRO B 562 47.64 28.52 -15.57
N GLU B 563 48.36 29.08 -14.59
CA GLU B 563 47.83 29.17 -13.24
C GLU B 563 46.47 29.87 -13.22
N LYS B 564 46.33 30.93 -14.02
CA LYS B 564 45.08 31.65 -14.13
C LYS B 564 43.92 30.71 -14.47
N ILE B 565 44.10 29.86 -15.47
CA ILE B 565 43.06 28.91 -15.85
C ILE B 565 42.79 27.88 -14.75
N LYS B 566 43.84 27.31 -14.18
CA LYS B 566 43.72 26.39 -13.06
C LYS B 566 42.78 26.93 -11.98
N LYS B 567 42.93 28.22 -11.68
CA LYS B 567 42.23 28.83 -10.56
C LYS B 567 40.74 29.04 -10.84
N VAL B 568 40.43 29.42 -12.06
CA VAL B 568 39.04 29.66 -12.44
C VAL B 568 38.30 28.34 -12.70
N PHE B 569 38.94 27.45 -13.45
CA PHE B 569 38.29 26.23 -13.90
C PHE B 569 38.39 25.09 -12.89
N VAL B 570 37.91 25.36 -11.69
CA VAL B 570 37.90 24.37 -10.63
C VAL B 570 36.66 23.52 -10.78
N VAL B 571 36.80 22.24 -10.43
CA VAL B 571 35.65 21.33 -10.43
C VAL B 571 35.30 20.99 -8.99
N ALA B 572 34.15 20.33 -8.80
CA ALA B 572 33.65 20.09 -7.45
C ALA B 572 34.71 19.64 -6.44
N LEU B 573 35.54 18.66 -6.81
CA LEU B 573 36.51 18.14 -5.85
C LEU B 573 37.76 19.00 -5.69
N ASP B 574 37.89 20.04 -6.51
CA ASP B 574 38.94 21.05 -6.33
C ASP B 574 38.56 21.95 -5.15
N ILE B 575 37.29 21.90 -4.80
CA ILE B 575 36.70 22.88 -3.90
C ILE B 575 36.47 22.20 -2.57
N ASP B 576 37.11 22.68 -1.52
CA ASP B 576 37.02 22.02 -0.23
C ASP B 576 35.60 22.12 0.37
N PRO B 577 35.30 21.24 1.34
CA PRO B 577 33.92 21.18 1.83
C PRO B 577 33.37 22.49 2.37
N MET B 578 34.16 23.27 3.09
CA MET B 578 33.67 24.53 3.66
C MET B 578 33.27 25.55 2.59
N ASP B 579 33.97 25.54 1.46
CA ASP B 579 33.66 26.48 0.40
C ASP B 579 32.36 26.06 -0.29
N HIS B 580 32.13 24.75 -0.37
CA HIS B 580 30.83 24.24 -0.84
C HIS B 580 29.76 24.75 0.09
N LEU B 581 29.98 24.55 1.40
CA LEU B 581 29.02 24.94 2.43
C LEU B 581 28.73 26.45 2.42
N LEU B 582 29.78 27.24 2.33
CA LEU B 582 29.64 28.70 2.39
C LEU B 582 28.93 29.23 1.16
N MET B 583 29.20 28.62 0.00
CA MET B 583 28.42 28.99 -1.18
C MET B 583 26.93 28.71 -1.00
N GLN B 584 26.60 27.56 -0.39
CA GLN B 584 25.20 27.23 -0.14
C GLN B 584 24.56 28.28 0.80
N ASP B 585 25.26 28.62 1.87
CA ASP B 585 24.81 29.69 2.77
C ASP B 585 24.61 31.06 2.06
N ALA B 586 25.56 31.43 1.21
CA ALA B 586 25.43 32.69 0.45
C ALA B 586 24.10 32.72 -0.29
N PHE B 587 23.81 31.63 -1.01
CA PHE B 587 22.56 31.54 -1.77
C PHE B 587 21.35 31.47 -0.85
N GLN B 588 21.45 30.71 0.24
CA GLN B 588 20.29 30.47 1.08
C GLN B 588 19.80 31.73 1.79
N ARG B 589 20.70 32.71 1.97
CA ARG B 589 20.31 33.97 2.58
C ARG B 589 19.27 34.72 1.74
N TYR B 590 19.17 34.38 0.45
CA TYR B 590 18.20 35.05 -0.42
C TYR B 590 17.22 34.11 -1.14
N VAL B 591 17.04 32.92 -0.59
CA VAL B 591 16.09 31.95 -1.12
C VAL B 591 15.03 31.65 -0.06
N ASP B 592 13.75 31.77 -0.42
CA ASP B 592 12.69 31.59 0.57
C ASP B 592 12.25 30.12 0.77
N ASN B 593 12.46 29.29 -0.23
CA ASN B 593 12.37 27.83 0.00
C ASN B 593 13.76 27.34 0.38
N ASN B 594 14.19 26.23 -0.19
CA ASN B 594 15.49 25.65 0.17
C ASN B 594 16.35 25.51 -1.06
N ILE B 595 17.43 24.76 -0.90
CA ILE B 595 18.44 24.62 -1.91
C ILE B 595 18.98 23.20 -1.98
N SER B 596 19.13 22.68 -3.19
CA SER B 596 19.77 21.39 -3.34
C SER B 596 21.25 21.59 -3.62
N LYS B 597 22.07 21.07 -2.73
CA LYS B 597 23.51 21.24 -2.79
C LYS B 597 24.19 20.02 -2.21
N THR B 598 25.17 19.46 -2.91
CA THR B 598 25.94 18.37 -2.36
C THR B 598 27.22 18.93 -1.76
N ILE B 599 27.50 18.61 -0.51
CA ILE B 599 28.80 18.95 0.04
C ILE B 599 29.79 17.84 -0.32
N ASN B 600 30.47 18.02 -1.45
CA ASN B 600 31.52 17.10 -1.88
C ASN B 600 32.74 17.13 -0.95
N MET B 601 33.23 15.94 -0.58
CA MET B 601 34.38 15.82 0.30
C MET B 601 35.41 14.87 -0.30
N PRO B 602 36.70 15.12 -0.03
CA PRO B 602 37.74 14.26 -0.61
C PRO B 602 37.73 12.87 0.05
N GLN B 603 38.25 11.87 -0.65
CA GLN B 603 38.28 10.52 -0.11
C GLN B 603 39.00 10.45 1.25
N SER B 604 39.99 11.29 1.42
CA SER B 604 40.80 11.29 2.64
C SER B 604 40.01 11.86 3.83
N ALA B 605 38.84 12.41 3.56
CA ALA B 605 37.99 12.97 4.62
C ALA B 605 37.70 11.96 5.75
N THR B 606 37.67 12.45 6.99
CA THR B 606 37.35 11.60 8.14
C THR B 606 35.94 11.86 8.65
N VAL B 607 35.47 11.02 9.55
CA VAL B 607 34.16 11.20 10.17
C VAL B 607 34.11 12.52 10.96
N ASP B 608 35.26 12.90 11.52
CA ASP B 608 35.38 14.18 12.20
C ASP B 608 35.25 15.33 11.22
N ASP B 609 35.78 15.17 10.02
CA ASP B 609 35.59 16.18 8.98
C ASP B 609 34.10 16.37 8.69
N VAL B 610 33.37 15.25 8.62
CA VAL B 610 31.92 15.29 8.41
C VAL B 610 31.21 16.02 9.56
N LEU B 611 31.56 15.66 10.80
CA LEU B 611 30.96 16.30 11.97
C LEU B 611 31.19 17.80 11.93
N ASN B 612 32.40 18.19 11.54
CA ASN B 612 32.70 19.62 11.46
C ASN B 612 31.85 20.32 10.42
N VAL B 613 31.58 19.66 9.29
CA VAL B 613 30.71 20.24 8.26
C VAL B 613 29.33 20.47 8.87
N TYR B 614 28.85 19.51 9.66
CA TYR B 614 27.55 19.64 10.33
C TYR B 614 27.47 20.84 11.28
N LEU B 615 28.45 20.97 12.17
CA LEU B 615 28.45 22.06 13.14
C LEU B 615 28.50 23.44 12.45
N GLU B 616 29.34 23.54 11.42
CA GLU B 616 29.38 24.75 10.62
C GLU B 616 28.05 24.95 9.92
N ALA B 617 27.39 23.86 9.51
CA ALA B 617 26.09 24.00 8.88
C ALA B 617 25.11 24.57 9.89
N LEU B 618 25.18 24.08 11.12
CA LEU B 618 24.30 24.60 12.17
C LEU B 618 24.47 26.12 12.40
N ARG B 619 25.68 26.60 12.20
CA ARG B 619 25.99 28.03 12.41
C ARG B 619 25.57 28.91 11.23
N THR B 620 25.71 28.39 10.02
CA THR B 620 25.36 29.15 8.82
C THR B 620 23.84 29.22 8.66
N ASN B 621 23.38 29.66 7.50
CA ASN B 621 21.94 29.82 7.24
C ASN B 621 21.32 28.68 6.40
N VAL B 622 22.09 27.62 6.14
CA VAL B 622 21.58 26.53 5.30
C VAL B 622 20.42 25.84 5.99
N ARG B 623 19.51 25.29 5.19
CA ARG B 623 18.28 24.73 5.72
C ARG B 623 18.32 23.21 5.66
N GLY B 624 19.41 22.69 5.11
CA GLY B 624 19.65 21.26 5.08
C GLY B 624 21.07 21.01 4.62
N ILE B 625 21.50 19.76 4.70
CA ILE B 625 22.86 19.40 4.36
C ILE B 625 22.88 18.00 3.77
N THR B 626 23.64 17.86 2.69
CA THR B 626 23.88 16.59 2.07
C THR B 626 25.39 16.55 1.88
N VAL B 627 26.04 15.49 2.33
CA VAL B 627 27.45 15.32 2.01
C VAL B 627 27.67 14.06 1.18
N TYR B 628 28.71 14.07 0.35
CA TYR B 628 29.18 12.86 -0.28
C TYR B 628 30.70 12.82 -0.32
N ARG B 629 31.26 11.78 0.29
CA ARG B 629 32.69 11.59 0.28
C ARG B 629 33.10 10.82 -0.98
N ASP B 630 34.02 11.40 -1.76
CA ASP B 630 34.53 10.78 -2.98
C ASP B 630 35.11 9.39 -2.69
N GLY B 631 34.51 8.36 -3.29
CA GLY B 631 34.99 7.00 -3.12
C GLY B 631 34.23 6.23 -2.05
N SER B 632 33.12 6.80 -1.61
CA SER B 632 32.27 6.14 -0.64
C SER B 632 31.65 4.91 -1.29
N LEU B 633 30.73 5.17 -2.20
CA LEU B 633 30.02 4.10 -2.89
C LEU B 633 30.85 3.51 -4.02
#